data_1EGZ
#
_entry.id   1EGZ
#
_cell.length_a   168.800
_cell.length_b   47.200
_cell.length_c   120.100
_cell.angle_alpha   90.00
_cell.angle_beta   105.00
_cell.angle_gamma   90.00
#
_symmetry.space_group_name_H-M   'C 1 2 1'
#
loop_
_entity.id
_entity.type
_entity.pdbx_description
1 polymer 'ENDOGLUCANASE Z'
2 non-polymer 'CALCIUM ION'
3 water water
#
_entity_poly.entity_id   1
_entity_poly.type   'polypeptide(L)'
_entity_poly.pdbx_seq_one_letter_code
;SVEPLSVNGNKIYAGEKAKSFAGNSLFWSNNGWGGEKFYTADTVASLKKDWKSSIVRAAMGVQESGGYLQDPAGNKAKVE
RVVDAAIANDMYAIIGWHSHSAENNRSEAIRFFQEMARKYGNKPNVIYEIYNEPLQVSWSNTIKPYAEAVISAIRAIDPD
NLIIVGTPSWSQNVDEASRDPINAKNIAYTLHFYAGTHGESLRNKARQALNNGIALFVTEWGTVNADGNGGVNQTETDAW
VTFMRDNNISNANWALNDKNEGASTYYPDSKNLTESGKKVKSIIQSWPYKA
;
_entity_poly.pdbx_strand_id   A,B,C
#
loop_
_chem_comp.id
_chem_comp.type
_chem_comp.name
_chem_comp.formula
CA non-polymer 'CALCIUM ION' 'Ca 2'
#
# COMPACT_ATOMS: atom_id res chain seq x y z
N SER A 1 4.17 7.74 32.93
CA SER A 1 4.45 7.09 34.24
C SER A 1 5.94 7.31 34.54
N VAL A 2 6.78 6.87 33.62
CA VAL A 2 8.22 7.01 33.75
C VAL A 2 8.74 7.39 32.37
N GLU A 3 9.49 8.49 32.30
CA GLU A 3 10.07 8.96 31.04
C GLU A 3 11.29 8.12 30.67
N PRO A 4 11.43 7.78 29.38
CA PRO A 4 12.56 6.97 28.94
C PRO A 4 13.85 7.74 29.13
N LEU A 5 14.95 7.01 29.34
CA LEU A 5 16.25 7.64 29.52
C LEU A 5 17.09 7.52 28.25
N SER A 6 17.84 8.58 27.94
CA SER A 6 18.72 8.61 26.78
C SER A 6 19.97 9.38 27.17
N VAL A 7 21.12 8.92 26.71
CA VAL A 7 22.37 9.58 27.04
C VAL A 7 22.83 10.43 25.87
N ASN A 8 22.90 11.74 26.06
CA ASN A 8 23.36 12.63 25.00
C ASN A 8 24.67 13.30 25.41
N GLY A 9 25.77 12.73 24.90
CA GLY A 9 27.08 13.24 25.19
C GLY A 9 27.39 13.20 26.67
N ASN A 10 27.22 14.35 27.29
CA ASN A 10 27.54 14.56 28.70
C ASN A 10 26.50 14.22 29.77
N LYS A 11 25.22 14.24 29.41
CA LYS A 11 24.20 14.00 30.42
C LYS A 11 23.10 13.02 30.07
N ILE A 12 22.31 12.67 31.07
CA ILE A 12 21.23 11.74 30.91
C ILE A 12 19.89 12.49 30.85
N TYR A 13 19.18 12.25 29.76
CA TYR A 13 17.87 12.86 29.51
C TYR A 13 16.72 11.94 29.86
N ALA A 14 15.70 12.52 30.48
CA ALA A 14 14.48 11.81 30.85
C ALA A 14 13.47 12.43 29.91
N GLY A 15 13.09 11.67 28.89
CA GLY A 15 12.17 12.21 27.91
C GLY A 15 12.99 13.16 27.06
N GLU A 16 12.78 14.46 27.23
CA GLU A 16 13.53 15.43 26.44
C GLU A 16 14.29 16.51 27.19
N LYS A 17 14.37 16.40 28.51
CA LYS A 17 15.12 17.39 29.30
C LYS A 17 16.19 16.68 30.11
N ALA A 18 17.26 17.39 30.45
CA ALA A 18 18.33 16.82 31.25
C ALA A 18 17.79 16.69 32.66
N LYS A 19 17.86 15.47 33.22
CA LYS A 19 17.37 15.24 34.57
C LYS A 19 18.21 14.24 35.36
N SER A 20 17.91 14.15 36.65
CA SER A 20 18.60 13.26 37.55
C SER A 20 17.61 12.83 38.63
N PHE A 21 17.77 11.62 39.14
CA PHE A 21 16.88 11.09 40.17
C PHE A 21 17.70 10.46 41.28
N ALA A 22 17.13 10.46 42.47
CA ALA A 22 17.75 9.89 43.67
C ALA A 22 17.00 8.62 44.07
N GLY A 23 17.71 7.67 44.66
CA GLY A 23 17.06 6.43 45.03
C GLY A 23 17.78 5.62 46.08
N ASN A 24 17.43 4.34 46.14
CA ASN A 24 18.00 3.44 47.13
C ASN A 24 18.53 2.18 46.50
N SER A 25 19.55 1.62 47.13
CA SER A 25 20.14 0.38 46.69
C SER A 25 19.87 -0.61 47.80
N LEU A 26 19.45 -1.80 47.41
CA LEU A 26 19.22 -2.85 48.39
C LEU A 26 20.60 -3.40 48.67
N PHE A 27 20.70 -4.20 49.73
CA PHE A 27 21.94 -4.82 50.12
C PHE A 27 22.06 -6.05 49.23
N TRP A 28 23.14 -6.81 49.39
CA TRP A 28 23.35 -8.03 48.62
C TRP A 28 22.09 -8.89 48.62
N SER A 29 21.81 -9.55 47.50
CA SER A 29 20.62 -10.40 47.40
C SER A 29 20.89 -11.84 47.80
N ASN A 30 22.15 -12.18 48.06
CA ASN A 30 22.55 -13.55 48.42
C ASN A 30 21.71 -14.22 49.50
N ASN A 31 21.48 -15.51 49.30
CA ASN A 31 20.72 -16.32 50.24
C ASN A 31 21.48 -16.30 51.54
N GLY A 32 20.78 -15.93 52.62
CA GLY A 32 21.40 -15.88 53.93
C GLY A 32 22.15 -14.62 54.30
N TRP A 33 22.20 -13.62 53.40
CA TRP A 33 22.91 -12.38 53.71
C TRP A 33 22.06 -11.26 54.28
N GLY A 34 20.84 -11.56 54.66
CA GLY A 34 19.96 -10.57 55.26
C GLY A 34 19.26 -9.53 54.39
N GLY A 35 19.97 -8.93 53.45
CA GLY A 35 19.35 -7.92 52.60
C GLY A 35 18.18 -8.42 51.81
N GLU A 36 18.21 -9.72 51.49
CA GLU A 36 17.17 -10.39 50.72
C GLU A 36 15.76 -10.21 51.26
N LYS A 37 15.64 -9.99 52.56
CA LYS A 37 14.32 -9.81 53.16
C LYS A 37 13.68 -8.48 52.75
N PHE A 38 14.45 -7.64 52.06
CA PHE A 38 13.94 -6.35 51.62
C PHE A 38 13.59 -6.39 50.13
N TYR A 39 13.83 -7.53 49.49
CA TYR A 39 13.50 -7.68 48.08
C TYR A 39 12.04 -8.08 47.95
N THR A 40 11.16 -7.17 48.36
CA THR A 40 9.72 -7.43 48.32
C THR A 40 9.00 -6.25 47.72
N ALA A 41 7.81 -6.49 47.14
CA ALA A 41 7.03 -5.41 46.52
C ALA A 41 6.61 -4.37 47.55
N ASP A 42 6.40 -4.83 48.78
CA ASP A 42 6.00 -3.96 49.88
C ASP A 42 7.07 -2.88 50.16
N THR A 43 8.34 -3.31 50.18
CA THR A 43 9.46 -2.40 50.41
C THR A 43 9.55 -1.33 49.32
N VAL A 44 9.49 -1.76 48.06
CA VAL A 44 9.56 -0.84 46.92
C VAL A 44 8.45 0.18 47.05
N ALA A 45 7.26 -0.27 47.42
CA ALA A 45 6.12 0.63 47.58
C ALA A 45 6.40 1.65 48.70
N SER A 46 7.09 1.21 49.75
CA SER A 46 7.43 2.10 50.86
C SER A 46 8.41 3.20 50.43
N LEU A 47 9.34 2.88 49.53
CA LEU A 47 10.32 3.85 49.04
C LEU A 47 9.66 4.94 48.19
N LYS A 48 8.67 4.55 47.40
CA LYS A 48 7.96 5.51 46.56
C LYS A 48 7.06 6.42 47.40
N LYS A 49 6.37 5.84 48.38
CA LYS A 49 5.44 6.57 49.25
C LYS A 49 6.04 7.32 50.44
N ASP A 50 6.93 6.67 51.16
CA ASP A 50 7.57 7.25 52.33
C ASP A 50 8.80 8.09 52.01
N TRP A 51 9.66 7.56 51.15
CA TRP A 51 10.90 8.23 50.79
C TRP A 51 10.81 9.12 49.58
N LYS A 52 9.89 8.81 48.66
CA LYS A 52 9.73 9.54 47.40
C LYS A 52 10.85 9.14 46.45
N SER A 53 11.47 8.00 46.76
CA SER A 53 12.56 7.44 45.98
C SER A 53 12.09 7.21 44.56
N SER A 54 13.00 7.39 43.61
CA SER A 54 12.66 7.17 42.20
C SER A 54 13.44 6.01 41.62
N ILE A 55 14.41 5.50 42.37
CA ILE A 55 15.23 4.42 41.89
C ILE A 55 15.37 3.36 42.96
N VAL A 56 15.39 2.10 42.55
CA VAL A 56 15.59 1.01 43.48
C VAL A 56 16.61 0.15 42.75
N ARG A 57 17.69 -0.17 43.43
CA ARG A 57 18.74 -0.96 42.82
C ARG A 57 18.83 -2.36 43.37
N ALA A 58 18.77 -3.35 42.48
CA ALA A 58 18.88 -4.73 42.87
C ALA A 58 20.34 -5.14 42.73
N ALA A 59 21.00 -5.39 43.86
CA ALA A 59 22.40 -5.79 43.86
C ALA A 59 22.51 -7.32 43.91
N MET A 60 22.42 -7.97 42.76
CA MET A 60 22.49 -9.42 42.74
C MET A 60 23.87 -10.02 42.86
N GLY A 61 24.11 -10.72 43.96
CA GLY A 61 25.39 -11.36 44.20
C GLY A 61 25.62 -12.41 43.13
N VAL A 62 26.87 -12.65 42.80
CA VAL A 62 27.20 -13.61 41.75
C VAL A 62 28.02 -14.80 42.20
N GLN A 63 29.28 -14.58 42.56
CA GLN A 63 30.14 -15.69 42.97
C GLN A 63 30.27 -16.03 44.45
N GLU A 64 29.72 -15.21 45.34
CA GLU A 64 29.82 -15.54 46.77
C GLU A 64 28.73 -16.57 47.08
N SER A 65 28.78 -17.14 48.29
CA SER A 65 27.79 -18.13 48.66
C SER A 65 26.41 -17.47 48.66
N GLY A 66 25.41 -18.23 48.18
CA GLY A 66 24.05 -17.73 48.14
C GLY A 66 23.80 -16.81 46.96
N GLY A 67 24.80 -16.67 46.10
CA GLY A 67 24.67 -15.80 44.95
C GLY A 67 24.12 -16.51 43.74
N TYR A 68 24.02 -15.77 42.64
CA TYR A 68 23.47 -16.29 41.40
C TYR A 68 24.09 -17.58 40.86
N LEU A 69 25.38 -17.80 41.13
CA LEU A 69 26.05 -19.02 40.65
C LEU A 69 25.56 -20.28 41.37
N GLN A 70 25.38 -20.16 42.67
CA GLN A 70 24.93 -21.26 43.50
C GLN A 70 23.42 -21.45 43.38
N ASP A 71 22.68 -20.34 43.36
CA ASP A 71 21.23 -20.39 43.26
C ASP A 71 20.74 -19.37 42.23
N PRO A 72 20.78 -19.73 40.94
CA PRO A 72 20.35 -18.86 39.84
C PRO A 72 18.89 -18.45 39.91
N ALA A 73 17.98 -19.43 39.87
CA ALA A 73 16.54 -19.17 39.94
C ALA A 73 16.14 -18.46 41.25
N GLY A 74 16.83 -18.80 42.34
CA GLY A 74 16.52 -18.17 43.61
C GLY A 74 16.82 -16.68 43.60
N ASN A 75 18.02 -16.35 43.14
CA ASN A 75 18.43 -14.96 43.08
C ASN A 75 17.71 -14.20 41.99
N LYS A 76 17.56 -14.83 40.82
CA LYS A 76 16.88 -14.19 39.70
C LYS A 76 15.46 -13.79 40.11
N ALA A 77 14.87 -14.56 41.02
CA ALA A 77 13.51 -14.30 41.50
C ALA A 77 13.37 -13.05 42.35
N LYS A 78 14.35 -12.81 43.23
CA LYS A 78 14.34 -11.63 44.09
C LYS A 78 14.44 -10.37 43.23
N VAL A 79 15.26 -10.46 42.18
CA VAL A 79 15.44 -9.33 41.29
C VAL A 79 14.14 -9.05 40.55
N GLU A 80 13.60 -10.08 39.89
CA GLU A 80 12.35 -9.94 39.16
C GLU A 80 11.27 -9.35 40.06
N ARG A 81 11.24 -9.82 41.30
CA ARG A 81 10.28 -9.38 42.29
C ARG A 81 10.40 -7.87 42.51
N VAL A 82 11.63 -7.38 42.66
CA VAL A 82 11.87 -5.95 42.87
C VAL A 82 11.59 -5.11 41.64
N VAL A 83 11.97 -5.61 40.47
CA VAL A 83 11.76 -4.86 39.24
C VAL A 83 10.28 -4.69 38.93
N ASP A 84 9.52 -5.78 39.08
CA ASP A 84 8.09 -5.75 38.84
C ASP A 84 7.42 -4.70 39.72
N ALA A 85 7.87 -4.63 40.97
CA ALA A 85 7.33 -3.67 41.92
C ALA A 85 7.66 -2.23 41.52
N ALA A 86 8.88 -2.03 41.03
CA ALA A 86 9.34 -0.72 40.61
C ALA A 86 8.53 -0.27 39.40
N ILE A 87 8.32 -1.18 38.46
CA ILE A 87 7.54 -0.85 37.26
C ILE A 87 6.15 -0.40 37.66
N ALA A 88 5.54 -1.14 38.57
CA ALA A 88 4.21 -0.82 39.05
C ALA A 88 4.12 0.51 39.80
N ASN A 89 5.22 0.91 40.46
CA ASN A 89 5.25 2.15 41.23
C ASN A 89 5.93 3.34 40.55
N ASP A 90 6.00 3.35 39.22
CA ASP A 90 6.64 4.44 38.49
C ASP A 90 8.00 4.87 39.06
N MET A 91 8.92 3.92 39.10
CA MET A 91 10.27 4.15 39.61
C MET A 91 11.18 3.48 38.59
N TYR A 92 12.44 3.88 38.56
CA TYR A 92 13.40 3.24 37.67
C TYR A 92 14.00 2.10 38.47
N ALA A 93 14.44 1.07 37.78
CA ALA A 93 15.02 -0.08 38.45
C ALA A 93 16.32 -0.48 37.77
N ILE A 94 17.34 -0.67 38.58
CA ILE A 94 18.65 -1.07 38.06
C ILE A 94 18.88 -2.52 38.42
N ILE A 95 19.16 -3.33 37.41
CA ILE A 95 19.44 -4.71 37.62
C ILE A 95 20.97 -4.80 37.62
N GLY A 96 21.55 -5.03 38.79
CA GLY A 96 23.00 -5.09 38.88
C GLY A 96 23.69 -6.42 39.10
N TRP A 97 24.65 -6.68 38.22
CA TRP A 97 25.47 -7.88 38.27
C TRP A 97 26.51 -7.46 39.31
N HIS A 98 26.17 -7.67 40.58
CA HIS A 98 27.02 -7.28 41.70
C HIS A 98 28.31 -8.06 41.85
N SER A 99 29.23 -7.86 40.91
CA SER A 99 30.50 -8.57 40.92
C SER A 99 31.76 -7.69 41.08
N HIS A 100 32.86 -8.34 41.43
CA HIS A 100 34.17 -7.71 41.62
C HIS A 100 35.15 -8.33 40.63
N SER A 101 34.70 -9.33 39.89
CA SER A 101 35.54 -10.01 38.91
C SER A 101 34.68 -10.61 37.82
N ALA A 102 33.73 -9.82 37.32
CA ALA A 102 32.81 -10.24 36.27
C ALA A 102 33.47 -10.83 35.03
N GLU A 103 34.68 -10.38 34.72
CA GLU A 103 35.41 -10.88 33.54
C GLU A 103 35.66 -12.40 33.65
N ASN A 104 35.50 -12.92 34.86
CA ASN A 104 35.70 -14.33 35.13
C ASN A 104 34.51 -15.18 34.67
N ASN A 105 33.31 -14.61 34.66
CA ASN A 105 32.11 -15.34 34.26
C ASN A 105 31.34 -14.60 33.18
N ARG A 106 31.98 -14.39 32.04
CA ARG A 106 31.32 -13.66 30.97
C ARG A 106 30.06 -14.33 30.39
N SER A 107 30.12 -15.63 30.09
CA SER A 107 28.97 -16.34 29.52
C SER A 107 27.76 -16.35 30.46
N GLU A 108 28.04 -16.36 31.76
CA GLU A 108 27.00 -16.36 32.76
C GLU A 108 26.25 -15.03 32.74
N ALA A 109 27.01 -13.94 32.73
CA ALA A 109 26.44 -12.59 32.70
C ALA A 109 25.66 -12.38 31.42
N ILE A 110 26.16 -12.93 30.32
CA ILE A 110 25.49 -12.80 29.03
C ILE A 110 24.16 -13.57 29.06
N ARG A 111 24.17 -14.76 29.64
CA ARG A 111 22.96 -15.58 29.76
C ARG A 111 21.91 -14.80 30.53
N PHE A 112 22.27 -14.35 31.73
CA PHE A 112 21.37 -13.60 32.60
C PHE A 112 20.77 -12.35 31.96
N PHE A 113 21.60 -11.45 31.45
CA PHE A 113 21.11 -10.21 30.85
C PHE A 113 20.28 -10.36 29.58
N GLN A 114 20.44 -11.46 28.85
CA GLN A 114 19.66 -11.69 27.65
C GLN A 114 18.22 -11.93 28.09
N GLU A 115 18.08 -12.74 29.14
CA GLU A 115 16.80 -13.08 29.70
C GLU A 115 16.10 -11.83 30.25
N MET A 116 16.84 -11.04 31.03
CA MET A 116 16.33 -9.80 31.61
C MET A 116 15.97 -8.81 30.52
N ALA A 117 16.76 -8.82 29.44
CA ALA A 117 16.50 -7.94 28.31
C ALA A 117 15.22 -8.33 27.60
N ARG A 118 15.03 -9.63 27.42
CA ARG A 118 13.83 -10.11 26.76
C ARG A 118 12.62 -9.78 27.63
N LYS A 119 12.73 -10.07 28.93
CA LYS A 119 11.64 -9.83 29.86
C LYS A 119 11.28 -8.37 30.10
N TYR A 120 12.28 -7.51 30.28
CA TYR A 120 12.01 -6.10 30.59
C TYR A 120 12.39 -5.07 29.56
N GLY A 121 13.01 -5.53 28.48
CA GLY A 121 13.45 -4.63 27.43
C GLY A 121 12.52 -3.51 26.99
N ASN A 122 11.22 -3.68 27.06
CA ASN A 122 10.32 -2.61 26.61
C ASN A 122 9.80 -1.63 27.62
N LYS A 123 10.07 -1.87 28.90
CA LYS A 123 9.61 -0.93 29.90
C LYS A 123 10.70 0.12 30.07
N PRO A 124 10.32 1.40 30.06
CA PRO A 124 11.30 2.47 30.21
C PRO A 124 11.93 2.57 31.61
N ASN A 125 11.49 1.71 32.54
CA ASN A 125 11.99 1.73 33.92
C ASN A 125 13.30 1.01 34.17
N VAL A 126 13.59 -0.01 33.37
CA VAL A 126 14.77 -0.82 33.56
C VAL A 126 16.11 -0.26 33.06
N ILE A 127 17.14 -0.46 33.87
CA ILE A 127 18.50 -0.01 33.60
C ILE A 127 19.40 -1.22 33.91
N TYR A 128 20.42 -1.47 33.10
CA TYR A 128 21.32 -2.61 33.35
C TYR A 128 22.66 -2.16 33.91
N GLU A 129 23.12 -2.82 34.95
CA GLU A 129 24.42 -2.49 35.54
C GLU A 129 25.17 -3.80 35.44
N ILE A 130 26.00 -3.91 34.43
CA ILE A 130 26.72 -5.14 34.13
C ILE A 130 28.00 -5.51 34.89
N TYR A 131 28.57 -4.58 35.65
CA TYR A 131 29.80 -4.85 36.42
C TYR A 131 29.84 -3.85 37.57
N ASN A 132 29.36 -4.27 38.73
CA ASN A 132 29.35 -3.43 39.92
C ASN A 132 30.63 -2.65 40.22
N GLU A 133 31.64 -3.34 40.71
CA GLU A 133 32.87 -2.70 41.12
C GLU A 133 34.17 -3.39 40.76
N PRO A 134 34.74 -3.02 39.60
CA PRO A 134 36.01 -3.58 39.13
C PRO A 134 37.11 -3.12 40.10
N LEU A 135 38.14 -3.93 40.27
CA LEU A 135 39.22 -3.56 41.18
C LEU A 135 40.43 -2.97 40.43
N GLN A 136 41.65 -3.26 40.87
CA GLN A 136 42.86 -2.75 40.20
C GLN A 136 42.95 -3.58 38.94
N VAL A 137 42.22 -3.13 37.92
CA VAL A 137 42.14 -3.86 36.67
C VAL A 137 42.17 -2.82 35.56
N SER A 138 42.68 -3.19 34.40
CA SER A 138 42.72 -2.24 33.30
C SER A 138 41.35 -1.97 32.70
N TRP A 139 41.13 -0.75 32.25
CA TRP A 139 39.88 -0.41 31.61
C TRP A 139 39.91 -1.02 30.21
N SER A 140 40.79 -0.51 29.35
CA SER A 140 40.91 -0.98 27.96
C SER A 140 41.21 -2.45 27.74
N ASN A 141 41.93 -3.06 28.66
CA ASN A 141 42.30 -4.47 28.48
C ASN A 141 41.43 -5.50 29.18
N THR A 142 40.68 -5.08 30.20
CA THR A 142 39.84 -6.01 30.93
C THR A 142 38.36 -5.67 30.94
N ILE A 143 38.02 -4.49 31.44
CA ILE A 143 36.64 -4.06 31.52
C ILE A 143 35.95 -3.80 30.18
N LYS A 144 36.63 -3.10 29.28
CA LYS A 144 36.05 -2.77 27.97
C LYS A 144 35.61 -3.95 27.12
N PRO A 145 36.46 -4.97 26.92
CA PRO A 145 36.09 -6.13 26.11
C PRO A 145 34.90 -6.92 26.69
N TYR A 146 34.87 -7.03 28.01
CA TYR A 146 33.78 -7.72 28.71
C TYR A 146 32.51 -6.90 28.49
N ALA A 147 32.58 -5.63 28.83
CA ALA A 147 31.43 -4.74 28.67
C ALA A 147 30.90 -4.75 27.25
N GLU A 148 31.79 -4.67 26.27
CA GLU A 148 31.35 -4.66 24.87
C GLU A 148 30.59 -5.92 24.50
N ALA A 149 31.05 -7.08 24.98
CA ALA A 149 30.40 -8.35 24.69
C ALA A 149 28.99 -8.36 25.26
N VAL A 150 28.88 -8.00 26.53
CA VAL A 150 27.58 -7.97 27.19
C VAL A 150 26.66 -6.97 26.51
N ILE A 151 27.14 -5.75 26.32
CA ILE A 151 26.37 -4.70 25.67
C ILE A 151 25.90 -5.15 24.28
N SER A 152 26.75 -5.90 23.60
CA SER A 152 26.41 -6.40 22.28
C SER A 152 25.21 -7.33 22.39
N ALA A 153 25.26 -8.24 23.36
CA ALA A 153 24.19 -9.20 23.61
C ALA A 153 22.88 -8.48 23.95
N ILE A 154 22.95 -7.52 24.86
CA ILE A 154 21.78 -6.76 25.26
C ILE A 154 21.20 -6.00 24.09
N ARG A 155 22.03 -5.18 23.45
CA ARG A 155 21.59 -4.37 22.32
C ARG A 155 20.89 -5.11 21.19
N ALA A 156 21.18 -6.40 21.05
CA ALA A 156 20.54 -7.20 20.01
C ALA A 156 19.06 -7.41 20.35
N ILE A 157 18.77 -7.43 21.64
CA ILE A 157 17.41 -7.64 22.16
C ILE A 157 16.75 -6.31 22.51
N ASP A 158 17.44 -5.52 23.34
CA ASP A 158 16.99 -4.22 23.84
C ASP A 158 18.00 -3.18 23.33
N PRO A 159 17.64 -2.47 22.25
CA PRO A 159 18.44 -1.44 21.58
C PRO A 159 18.56 -0.07 22.22
N ASP A 160 17.78 0.21 23.25
CA ASP A 160 17.83 1.56 23.81
C ASP A 160 17.91 1.77 25.32
N ASN A 161 17.70 0.73 26.12
CA ASN A 161 17.74 0.94 27.56
C ASN A 161 19.15 1.14 28.07
N LEU A 162 19.30 2.09 28.98
CA LEU A 162 20.56 2.48 29.59
C LEU A 162 21.37 1.31 30.17
N ILE A 163 22.65 1.26 29.81
CA ILE A 163 23.55 0.23 30.31
C ILE A 163 24.62 1.03 31.03
N ILE A 164 24.92 0.64 32.26
CA ILE A 164 25.92 1.32 33.09
C ILE A 164 27.10 0.39 33.29
N VAL A 165 28.31 0.87 32.99
CA VAL A 165 29.54 0.09 33.10
C VAL A 165 30.45 0.53 34.24
N GLY A 166 30.87 -0.44 35.06
CA GLY A 166 31.74 -0.15 36.17
C GLY A 166 33.10 0.29 35.68
N THR A 167 33.79 1.10 36.48
CA THR A 167 35.11 1.62 36.12
C THR A 167 36.15 1.10 37.13
N PRO A 168 37.45 1.12 36.74
CA PRO A 168 38.56 0.65 37.58
C PRO A 168 38.64 1.22 39.01
N SER A 169 39.31 0.47 39.89
CA SER A 169 39.49 0.87 41.28
C SER A 169 38.21 1.27 41.97
N TRP A 170 37.39 0.29 42.35
CA TRP A 170 36.12 0.54 43.03
C TRP A 170 35.26 1.57 42.32
N SER A 171 35.25 1.51 40.99
CA SER A 171 34.47 2.44 40.19
C SER A 171 34.77 3.90 40.50
N GLN A 172 36.06 4.20 40.62
CA GLN A 172 36.50 5.56 40.89
C GLN A 172 37.16 6.16 39.65
N ASN A 173 37.86 5.33 38.89
CA ASN A 173 38.56 5.80 37.70
C ASN A 173 37.69 6.11 36.49
N VAL A 174 36.77 7.05 36.63
CA VAL A 174 35.90 7.44 35.53
C VAL A 174 36.66 8.28 34.49
N ASP A 175 37.76 8.90 34.92
CA ASP A 175 38.60 9.67 34.00
C ASP A 175 39.26 8.68 33.02
N GLU A 176 39.83 7.60 33.56
CA GLU A 176 40.48 6.58 32.73
C GLU A 176 39.53 6.04 31.64
N ALA A 177 38.27 5.84 32.01
CA ALA A 177 37.24 5.34 31.09
C ALA A 177 36.87 6.33 30.00
N SER A 178 36.80 7.61 30.35
CA SER A 178 36.46 8.66 29.39
C SER A 178 37.49 8.80 28.27
N ARG A 179 38.69 8.32 28.52
CA ARG A 179 39.75 8.41 27.53
C ARG A 179 39.70 7.26 26.53
N ASP A 180 38.71 6.38 26.69
CA ASP A 180 38.52 5.25 25.78
C ASP A 180 37.07 4.76 25.94
N PRO A 181 36.11 5.64 25.58
CA PRO A 181 34.67 5.35 25.67
C PRO A 181 34.30 4.13 24.84
N ILE A 182 33.12 3.59 25.09
CA ILE A 182 32.63 2.45 24.34
C ILE A 182 31.77 3.04 23.24
N ASN A 183 31.99 2.64 22.00
CA ASN A 183 31.18 3.18 20.92
C ASN A 183 29.85 2.43 20.84
N ALA A 184 28.87 2.91 21.58
CA ALA A 184 27.55 2.30 21.60
C ALA A 184 26.53 3.31 22.06
N LYS A 185 25.26 3.01 21.83
CA LYS A 185 24.19 3.92 22.22
C LYS A 185 23.82 3.74 23.68
N ASN A 186 23.47 4.86 24.30
CA ASN A 186 23.04 4.93 25.69
C ASN A 186 23.84 4.17 26.72
N ILE A 187 25.14 4.45 26.81
CA ILE A 187 25.99 3.83 27.80
C ILE A 187 26.39 4.91 28.81
N ALA A 188 26.39 4.57 30.10
CA ALA A 188 26.80 5.52 31.14
C ALA A 188 27.88 4.81 31.93
N TYR A 189 28.59 5.55 32.78
CA TYR A 189 29.70 4.95 33.51
C TYR A 189 29.52 5.20 34.98
N THR A 190 29.86 4.20 35.78
CA THR A 190 29.65 4.31 37.20
C THR A 190 30.74 4.93 38.06
N LEU A 191 30.28 5.66 39.06
CA LEU A 191 31.10 6.33 40.03
C LEU A 191 30.55 5.92 41.40
N HIS A 192 31.41 5.47 42.30
CA HIS A 192 31.01 5.08 43.64
C HIS A 192 31.83 5.87 44.63
N PHE A 193 31.20 6.36 45.68
CA PHE A 193 31.91 7.11 46.69
C PHE A 193 31.27 6.93 48.04
N TYR A 194 32.04 7.22 49.07
CA TYR A 194 31.59 7.13 50.44
C TYR A 194 32.10 8.40 51.07
N ALA A 195 31.16 9.30 51.35
CA ALA A 195 31.45 10.61 51.91
C ALA A 195 32.39 10.62 53.10
N GLY A 196 32.48 9.51 53.82
CA GLY A 196 33.37 9.46 54.97
C GLY A 196 34.81 9.17 54.61
N THR A 197 35.03 8.78 53.36
CA THR A 197 36.35 8.41 52.86
C THR A 197 36.85 9.19 51.63
N HIS A 198 35.93 9.54 50.74
CA HIS A 198 36.28 10.21 49.50
C HIS A 198 35.86 11.67 49.46
N GLY A 199 36.67 12.50 48.81
CA GLY A 199 36.34 13.91 48.72
C GLY A 199 36.57 14.57 47.38
N GLU A 200 36.95 15.84 47.46
CA GLU A 200 37.24 16.71 46.31
C GLU A 200 38.13 16.06 45.24
N SER A 201 39.08 15.23 45.67
CA SER A 201 39.98 14.58 44.72
C SER A 201 39.18 13.66 43.80
N LEU A 202 38.26 12.89 44.38
CA LEU A 202 37.44 11.99 43.58
C LEU A 202 36.50 12.86 42.75
N ARG A 203 36.08 13.99 43.31
CA ARG A 203 35.19 14.87 42.56
C ARG A 203 35.86 15.45 41.32
N ASN A 204 37.16 15.68 41.40
CA ASN A 204 37.93 16.22 40.27
C ASN A 204 38.05 15.21 39.16
N LYS A 205 38.27 13.95 39.53
CA LYS A 205 38.35 12.86 38.55
C LYS A 205 37.03 12.79 37.78
N ALA A 206 35.93 12.96 38.51
CA ALA A 206 34.60 12.93 37.92
C ALA A 206 34.44 14.08 36.95
N ARG A 207 34.90 15.28 37.36
CA ARG A 207 34.83 16.47 36.53
C ARG A 207 35.57 16.26 35.21
N GLN A 208 36.73 15.60 35.29
CA GLN A 208 37.54 15.30 34.10
C GLN A 208 36.80 14.37 33.14
N ALA A 209 36.10 13.38 33.68
CA ALA A 209 35.32 12.44 32.86
C ALA A 209 34.18 13.20 32.19
N LEU A 210 33.53 14.08 32.95
CA LEU A 210 32.45 14.91 32.43
C LEU A 210 32.94 15.81 31.31
N ASN A 211 34.14 16.36 31.45
CA ASN A 211 34.72 17.22 30.42
C ASN A 211 35.05 16.48 29.13
N ASN A 212 35.39 15.20 29.24
CA ASN A 212 35.71 14.40 28.07
C ASN A 212 34.47 13.85 27.35
N GLY A 213 33.28 14.28 27.77
CA GLY A 213 32.04 13.85 27.13
C GLY A 213 31.39 12.54 27.56
N ILE A 214 31.62 12.12 28.79
CA ILE A 214 31.08 10.88 29.33
C ILE A 214 30.07 11.18 30.43
N ALA A 215 28.94 10.46 30.42
CA ALA A 215 27.87 10.64 31.42
C ALA A 215 28.08 9.63 32.54
N LEU A 216 28.04 10.10 33.78
CA LEU A 216 28.26 9.23 34.94
C LEU A 216 26.95 8.84 35.62
N PHE A 217 27.02 7.82 36.46
CA PHE A 217 25.83 7.36 37.20
C PHE A 217 26.28 6.73 38.51
N VAL A 218 25.85 7.32 39.62
CA VAL A 218 26.23 6.81 40.95
C VAL A 218 25.28 5.74 41.42
N THR A 219 25.57 4.51 41.02
CA THR A 219 24.74 3.37 41.38
C THR A 219 24.93 2.95 42.84
N GLU A 220 25.90 3.57 43.53
CA GLU A 220 26.14 3.26 44.94
C GLU A 220 26.97 4.37 45.58
N TRP A 221 26.51 4.86 46.73
CA TRP A 221 27.25 5.90 47.48
C TRP A 221 26.86 5.82 48.96
N GLY A 222 27.81 6.09 49.85
CA GLY A 222 27.50 6.02 51.26
C GLY A 222 27.86 7.33 51.95
N THR A 223 27.20 7.61 53.07
CA THR A 223 27.43 8.83 53.81
C THR A 223 28.49 8.57 54.86
N VAL A 224 28.82 7.29 54.98
CA VAL A 224 29.73 6.77 55.99
C VAL A 224 31.08 6.34 55.35
N ASN A 225 31.96 5.67 56.10
CA ASN A 225 33.24 5.23 55.53
C ASN A 225 33.07 4.11 54.52
N ALA A 226 34.03 4.00 53.60
CA ALA A 226 34.03 3.00 52.53
C ALA A 226 33.79 1.53 52.94
N ASP A 227 34.20 1.18 54.16
CA ASP A 227 34.03 -0.16 54.69
C ASP A 227 32.63 -0.33 55.25
N GLY A 228 31.80 0.70 55.05
CA GLY A 228 30.43 0.67 55.52
C GLY A 228 30.27 1.01 56.99
N ASN A 229 31.33 1.48 57.62
CA ASN A 229 31.27 1.83 59.03
C ASN A 229 31.63 3.28 59.29
N GLY A 230 31.74 3.62 60.57
CA GLY A 230 32.08 4.98 60.93
C GLY A 230 30.87 5.86 60.91
N GLY A 231 31.04 7.10 61.33
CA GLY A 231 29.92 8.02 61.37
C GLY A 231 29.66 8.73 60.06
N VAL A 232 28.54 9.41 60.01
CA VAL A 232 28.15 10.16 58.84
C VAL A 232 28.98 11.43 58.71
N ASN A 233 29.54 11.65 57.53
CA ASN A 233 30.31 12.86 57.34
C ASN A 233 29.34 13.81 56.67
N GLN A 234 28.69 14.62 57.51
CA GLN A 234 27.70 15.59 57.07
C GLN A 234 28.18 16.56 55.98
N THR A 235 29.30 17.21 56.22
CA THR A 235 29.85 18.17 55.27
C THR A 235 30.12 17.55 53.90
N GLU A 236 30.91 16.50 53.89
CA GLU A 236 31.23 15.81 52.66
C GLU A 236 29.98 15.32 51.95
N THR A 237 29.01 14.83 52.73
CA THR A 237 27.75 14.35 52.16
C THR A 237 27.09 15.49 51.39
N ASP A 238 26.89 16.63 52.04
CA ASP A 238 26.27 17.81 51.40
C ASP A 238 27.03 18.22 50.13
N ALA A 239 28.35 18.28 50.22
CA ALA A 239 29.18 18.67 49.10
C ALA A 239 28.98 17.72 47.92
N TRP A 240 28.85 16.43 48.22
CA TRP A 240 28.65 15.44 47.18
C TRP A 240 27.26 15.52 46.57
N VAL A 241 26.27 15.82 47.39
CA VAL A 241 24.89 15.95 46.91
C VAL A 241 24.77 17.16 45.99
N THR A 242 25.39 18.28 46.39
CA THR A 242 25.37 19.48 45.55
C THR A 242 26.05 19.16 44.21
N PHE A 243 27.17 18.44 44.26
CA PHE A 243 27.90 18.06 43.04
C PHE A 243 27.00 17.27 42.07
N MET A 244 26.32 16.26 42.60
CA MET A 244 25.44 15.43 41.78
C MET A 244 24.25 16.22 41.24
N ARG A 245 23.67 17.06 42.09
CA ARG A 245 22.53 17.87 41.67
C ARG A 245 22.96 18.80 40.56
N ASP A 246 24.11 19.44 40.75
CA ASP A 246 24.63 20.37 39.76
C ASP A 246 24.83 19.74 38.39
N ASN A 247 25.48 18.58 38.38
CA ASN A 247 25.79 17.88 37.13
C ASN A 247 24.75 16.87 36.68
N ASN A 248 23.59 16.90 37.33
CA ASN A 248 22.50 15.98 37.01
C ASN A 248 22.94 14.50 36.95
N ILE A 249 23.52 14.05 38.06
CA ILE A 249 24.01 12.69 38.21
C ILE A 249 23.01 11.90 39.08
N SER A 250 22.44 10.83 38.51
CA SER A 250 21.48 10.01 39.25
C SER A 250 22.25 9.18 40.26
N ASN A 251 21.61 8.87 41.37
CA ASN A 251 22.28 8.15 42.45
C ASN A 251 21.38 7.23 43.24
N ALA A 252 21.98 6.21 43.82
CA ALA A 252 21.28 5.25 44.63
C ALA A 252 22.09 5.09 45.92
N ASN A 253 21.48 5.38 47.07
CA ASN A 253 22.16 5.25 48.35
C ASN A 253 22.32 3.78 48.77
N TRP A 254 23.56 3.56 49.36
CA TRP A 254 23.78 2.18 49.73
C TRP A 254 23.63 2.07 51.19
N ALA A 255 22.63 1.14 52.05
CA ALA A 255 21.87 0.31 51.42
C ALA A 255 20.70 0.24 52.34
N LEU A 256 19.35 -0.02 51.55
CA LEU A 256 18.23 -0.11 52.51
C LEU A 256 18.14 -1.51 53.12
N ASN A 257 18.80 -1.50 54.25
CA ASN A 257 19.06 -2.76 54.95
C ASN A 257 19.15 -2.49 56.45
N ASP A 258 19.23 -3.56 57.25
CA ASP A 258 19.31 -3.41 58.70
C ASP A 258 20.46 -4.15 59.36
N LYS A 259 21.54 -4.33 58.62
CA LYS A 259 22.73 -4.97 59.16
C LYS A 259 23.25 -3.97 60.16
N ASN A 260 23.96 -4.44 61.17
CA ASN A 260 24.48 -3.54 62.18
C ASN A 260 25.76 -2.81 61.74
N GLU A 261 25.63 -1.85 60.84
CA GLU A 261 26.75 -1.06 60.33
C GLU A 261 26.22 0.33 59.97
N GLY A 262 27.08 1.33 60.01
CA GLY A 262 26.67 2.70 59.74
C GLY A 262 25.95 2.95 58.42
N ALA A 263 26.28 2.16 57.40
CA ALA A 263 25.66 2.33 56.07
C ALA A 263 24.19 1.97 55.99
N SER A 264 23.71 1.17 56.93
CA SER A 264 22.31 0.74 56.94
C SER A 264 21.35 1.86 57.26
N THR A 265 20.16 1.80 56.67
CA THR A 265 19.13 2.80 56.89
C THR A 265 18.34 2.55 58.17
N TYR A 266 18.28 1.28 58.58
CA TYR A 266 17.52 0.90 59.77
C TYR A 266 18.37 0.17 60.81
N TYR A 267 17.99 0.30 62.09
CA TYR A 267 18.67 -0.41 63.17
C TYR A 267 18.24 -1.87 63.04
N PRO A 268 19.08 -2.83 63.49
CA PRO A 268 18.69 -4.23 63.36
C PRO A 268 17.25 -4.55 63.79
N ASP A 269 16.56 -5.29 62.92
CA ASP A 269 15.19 -5.70 63.13
C ASP A 269 14.25 -4.53 63.43
N SER A 270 14.25 -3.52 62.59
CA SER A 270 13.37 -2.38 62.81
C SER A 270 13.28 -1.47 61.60
N LYS A 271 12.34 -0.53 61.64
CA LYS A 271 12.15 0.45 60.58
C LYS A 271 12.54 1.79 61.18
N ASN A 272 13.32 1.74 62.25
CA ASN A 272 13.80 2.94 62.93
C ASN A 272 15.10 3.43 62.27
N LEU A 273 15.00 4.61 61.67
CA LEU A 273 16.11 5.23 60.95
C LEU A 273 17.40 5.49 61.71
N THR A 274 18.53 5.14 61.08
CA THR A 274 19.86 5.37 61.65
C THR A 274 20.23 6.79 61.30
N GLU A 275 21.40 7.23 61.75
CA GLU A 275 21.85 8.59 61.43
C GLU A 275 21.96 8.68 59.90
N SER A 276 22.48 7.61 59.30
CA SER A 276 22.62 7.55 57.86
C SER A 276 21.25 7.63 57.20
N GLY A 277 20.32 6.82 57.70
CA GLY A 277 18.98 6.80 57.15
C GLY A 277 18.28 8.13 57.16
N LYS A 278 18.27 8.80 58.32
CA LYS A 278 17.62 10.10 58.43
C LYS A 278 18.17 11.05 57.41
N LYS A 279 19.49 11.05 57.25
CA LYS A 279 20.16 11.93 56.31
C LYS A 279 19.74 11.63 54.89
N VAL A 280 19.90 10.39 54.47
CA VAL A 280 19.55 9.99 53.12
C VAL A 280 18.07 10.18 52.78
N LYS A 281 17.20 10.03 53.77
CA LYS A 281 15.78 10.23 53.54
C LYS A 281 15.54 11.69 53.14
N SER A 282 16.13 12.60 53.92
CA SER A 282 16.02 14.03 53.67
C SER A 282 16.51 14.34 52.25
N ILE A 283 17.63 13.71 51.89
CA ILE A 283 18.23 13.92 50.57
C ILE A 283 17.27 13.47 49.49
N ILE A 284 16.80 12.22 49.60
CA ILE A 284 15.89 11.66 48.62
C ILE A 284 14.56 12.39 48.46
N GLN A 285 13.96 12.82 49.55
CA GLN A 285 12.68 13.50 49.42
C GLN A 285 12.69 14.94 48.91
N SER A 286 13.82 15.63 49.02
CA SER A 286 13.86 17.00 48.52
C SER A 286 14.51 17.10 47.13
N TRP A 287 14.74 15.96 46.49
CA TRP A 287 15.38 15.96 45.18
C TRP A 287 14.52 16.69 44.15
N PRO A 288 15.15 17.56 43.35
CA PRO A 288 14.55 18.39 42.30
C PRO A 288 13.64 17.70 41.30
N TYR A 289 13.84 16.41 41.06
CA TYR A 289 13.03 15.65 40.11
C TYR A 289 12.56 14.33 40.71
N LYS A 290 11.38 13.89 40.30
CA LYS A 290 10.76 12.64 40.77
C LYS A 290 10.32 11.79 39.57
N ALA A 291 10.42 10.47 39.68
CA ALA A 291 10.04 9.57 38.58
C ALA A 291 8.55 9.64 38.18
N SER B 1 -14.29 -0.04 -51.16
CA SER B 1 -12.83 -0.27 -51.33
C SER B 1 -12.15 -0.12 -49.99
N VAL B 2 -10.82 -0.18 -50.00
CA VAL B 2 -10.07 -0.06 -48.76
C VAL B 2 -9.99 1.40 -48.30
N GLU B 3 -10.46 1.63 -47.08
CA GLU B 3 -10.43 2.95 -46.51
C GLU B 3 -9.09 3.10 -45.81
N PRO B 4 -8.56 4.32 -45.78
CA PRO B 4 -7.28 4.58 -45.12
C PRO B 4 -7.37 4.47 -43.61
N LEU B 5 -6.36 3.85 -43.01
CA LEU B 5 -6.28 3.65 -41.56
C LEU B 5 -5.41 4.73 -40.90
N SER B 6 -5.81 5.15 -39.71
CA SER B 6 -5.08 6.15 -38.94
C SER B 6 -5.25 5.79 -37.47
N VAL B 7 -4.37 6.25 -36.59
CA VAL B 7 -4.57 5.92 -35.19
C VAL B 7 -4.99 7.19 -34.49
N ASN B 8 -5.78 7.05 -33.45
CA ASN B 8 -6.27 8.20 -32.72
C ASN B 8 -6.34 7.83 -31.26
N GLY B 9 -5.36 8.26 -30.48
CA GLY B 9 -5.34 7.94 -29.07
C GLY B 9 -5.08 6.45 -28.99
N ASN B 10 -6.03 5.70 -28.45
CA ASN B 10 -5.89 4.26 -28.31
C ASN B 10 -6.70 3.42 -29.28
N LYS B 11 -7.22 4.04 -30.33
CA LYS B 11 -8.03 3.31 -31.30
C LYS B 11 -7.57 3.51 -32.72
N ILE B 12 -7.86 2.53 -33.57
CA ILE B 12 -7.52 2.61 -34.98
C ILE B 12 -8.79 2.98 -35.72
N TYR B 13 -8.66 3.87 -36.69
CA TYR B 13 -9.80 4.33 -37.47
C TYR B 13 -9.67 3.93 -38.91
N ALA B 14 -10.80 3.66 -39.53
CA ALA B 14 -10.85 3.29 -40.95
C ALA B 14 -11.72 4.40 -41.53
N GLY B 15 -11.09 5.37 -42.15
CA GLY B 15 -11.82 6.49 -42.69
C GLY B 15 -12.21 7.38 -41.51
N GLU B 16 -13.51 7.48 -41.23
CA GLU B 16 -13.98 8.35 -40.16
C GLU B 16 -14.34 7.67 -38.85
N LYS B 17 -14.53 6.35 -38.86
CA LYS B 17 -14.92 5.64 -37.65
C LYS B 17 -13.91 4.60 -37.18
N ALA B 18 -14.01 4.24 -35.90
CA ALA B 18 -13.16 3.23 -35.30
C ALA B 18 -13.73 1.90 -35.79
N LYS B 19 -12.86 1.02 -36.27
CA LYS B 19 -13.26 -0.30 -36.79
C LYS B 19 -12.16 -1.31 -36.52
N SER B 20 -12.49 -2.58 -36.69
CA SER B 20 -11.56 -3.68 -36.49
C SER B 20 -11.73 -4.63 -37.67
N PHE B 21 -10.69 -5.36 -38.02
CA PHE B 21 -10.78 -6.28 -39.14
C PHE B 21 -10.13 -7.59 -38.76
N ALA B 22 -10.65 -8.69 -39.28
CA ALA B 22 -10.08 -9.98 -38.99
C ALA B 22 -9.44 -10.49 -40.25
N GLY B 23 -8.36 -11.23 -40.13
CA GLY B 23 -7.70 -11.76 -41.30
C GLY B 23 -6.85 -12.96 -40.98
N ASN B 24 -6.00 -13.32 -41.94
CA ASN B 24 -5.13 -14.48 -41.82
C ASN B 24 -3.67 -14.12 -41.98
N SER B 25 -2.83 -14.88 -41.30
CA SER B 25 -1.40 -14.72 -41.40
C SER B 25 -0.84 -15.91 -42.16
N LEU B 26 -0.01 -15.62 -43.15
CA LEU B 26 0.63 -16.66 -43.93
C LEU B 26 1.77 -17.14 -43.04
N PHE B 27 2.25 -18.35 -43.30
CA PHE B 27 3.34 -18.93 -42.51
C PHE B 27 4.66 -18.34 -43.01
N TRP B 28 5.77 -18.66 -42.33
CA TRP B 28 7.11 -18.18 -42.70
C TRP B 28 7.31 -18.29 -44.21
N SER B 29 7.74 -17.21 -44.85
CA SER B 29 7.96 -17.21 -46.31
C SER B 29 9.20 -18.01 -46.77
N ASN B 30 10.09 -18.27 -45.82
CA ASN B 30 11.34 -18.98 -46.03
C ASN B 30 11.34 -20.07 -47.09
N ASN B 31 12.36 -20.04 -47.96
CA ASN B 31 12.52 -21.05 -48.98
C ASN B 31 12.66 -22.39 -48.27
N GLY B 32 12.07 -23.43 -48.84
CA GLY B 32 12.18 -24.74 -48.22
C GLY B 32 11.20 -25.07 -47.11
N TRP B 33 10.55 -24.06 -46.55
CA TRP B 33 9.58 -24.32 -45.48
C TRP B 33 8.23 -24.51 -46.17
N GLY B 34 7.17 -24.71 -45.41
CA GLY B 34 5.87 -24.90 -46.04
C GLY B 34 5.22 -23.65 -46.58
N GLY B 35 4.96 -22.71 -45.67
CA GLY B 35 4.30 -21.45 -46.00
C GLY B 35 4.33 -20.86 -47.40
N GLU B 36 5.52 -20.72 -47.97
CA GLU B 36 5.71 -20.11 -49.28
C GLU B 36 4.73 -20.54 -50.36
N LYS B 37 4.36 -21.81 -50.34
CA LYS B 37 3.44 -22.37 -51.32
C LYS B 37 2.09 -21.63 -51.36
N PHE B 38 1.73 -21.03 -50.23
CA PHE B 38 0.49 -20.29 -50.10
C PHE B 38 0.62 -18.80 -50.47
N TYR B 39 1.84 -18.37 -50.80
CA TYR B 39 2.08 -16.98 -51.17
C TYR B 39 1.73 -16.78 -52.63
N THR B 40 0.44 -16.71 -52.96
CA THR B 40 -0.01 -16.54 -54.34
C THR B 40 -1.29 -15.72 -54.45
N ALA B 41 -1.58 -15.24 -55.65
CA ALA B 41 -2.78 -14.44 -55.89
C ALA B 41 -4.03 -15.30 -55.64
N ASP B 42 -3.87 -16.61 -55.79
CA ASP B 42 -4.95 -17.58 -55.58
C ASP B 42 -5.41 -17.58 -54.15
N THR B 43 -4.49 -17.94 -53.26
CA THR B 43 -4.77 -18.02 -51.84
C THR B 43 -5.40 -16.72 -51.38
N VAL B 44 -4.89 -15.62 -51.90
CA VAL B 44 -5.40 -14.30 -51.56
C VAL B 44 -6.84 -14.11 -52.04
N ALA B 45 -7.11 -14.51 -53.27
CA ALA B 45 -8.45 -14.41 -53.84
C ALA B 45 -9.41 -15.24 -53.00
N SER B 46 -8.98 -16.45 -52.65
CA SER B 46 -9.78 -17.36 -51.84
C SER B 46 -10.11 -16.76 -50.48
N LEU B 47 -9.12 -16.16 -49.84
CA LEU B 47 -9.32 -15.54 -48.53
C LEU B 47 -10.41 -14.48 -48.55
N LYS B 48 -10.44 -13.67 -49.60
CA LYS B 48 -11.43 -12.61 -49.73
C LYS B 48 -12.83 -13.15 -50.02
N LYS B 49 -12.94 -13.96 -51.08
CA LYS B 49 -14.22 -14.56 -51.50
C LYS B 49 -14.81 -15.58 -50.52
N ASP B 50 -14.05 -16.64 -50.25
CA ASP B 50 -14.51 -17.71 -49.36
C ASP B 50 -14.47 -17.44 -47.86
N TRP B 51 -13.37 -16.87 -47.37
CA TRP B 51 -13.25 -16.58 -45.94
C TRP B 51 -13.83 -15.23 -45.55
N LYS B 52 -13.97 -14.33 -46.53
CA LYS B 52 -14.45 -12.96 -46.28
C LYS B 52 -13.40 -12.23 -45.44
N SER B 53 -12.15 -12.62 -45.63
CA SER B 53 -10.98 -12.08 -44.93
C SER B 53 -10.69 -10.64 -45.33
N SER B 54 -10.30 -9.81 -44.36
CA SER B 54 -10.00 -8.40 -44.61
C SER B 54 -8.51 -8.12 -44.54
N ILE B 55 -7.77 -9.05 -43.96
CA ILE B 55 -6.33 -8.87 -43.79
C ILE B 55 -5.55 -10.12 -44.17
N VAL B 56 -4.42 -9.89 -44.82
CA VAL B 56 -3.49 -10.94 -45.20
C VAL B 56 -2.13 -10.44 -44.72
N ARG B 57 -1.47 -11.22 -43.88
CA ARG B 57 -0.16 -10.84 -43.36
C ARG B 57 0.95 -11.67 -44.01
N ALA B 58 1.93 -10.99 -44.59
CA ALA B 58 3.07 -11.67 -45.21
C ALA B 58 4.12 -11.74 -44.12
N ALA B 59 4.52 -12.96 -43.74
CA ALA B 59 5.52 -13.16 -42.69
C ALA B 59 6.86 -13.52 -43.31
N MET B 60 7.62 -12.51 -43.71
CA MET B 60 8.92 -12.72 -44.33
C MET B 60 10.04 -13.01 -43.33
N GLY B 61 10.51 -14.26 -43.33
CA GLY B 61 11.59 -14.63 -42.43
C GLY B 61 12.81 -13.82 -42.79
N VAL B 62 13.67 -13.54 -41.82
CA VAL B 62 14.86 -12.74 -42.07
C VAL B 62 16.16 -13.46 -41.80
N GLN B 63 16.37 -13.86 -40.55
CA GLN B 63 17.60 -14.54 -40.10
C GLN B 63 17.74 -16.01 -40.45
N GLU B 64 16.62 -16.72 -40.57
CA GLU B 64 16.64 -18.16 -40.85
C GLU B 64 16.92 -18.58 -42.30
N SER B 65 17.29 -19.85 -42.46
CA SER B 65 17.60 -20.43 -43.76
C SER B 65 16.53 -20.11 -44.78
N GLY B 66 16.95 -19.78 -45.99
CA GLY B 66 16.01 -19.44 -47.04
C GLY B 66 15.27 -18.16 -46.73
N GLY B 67 15.75 -17.42 -45.73
CA GLY B 67 15.13 -16.17 -45.35
C GLY B 67 15.55 -15.04 -46.26
N TYR B 68 15.10 -13.83 -45.94
CA TYR B 68 15.42 -12.64 -46.75
C TYR B 68 16.93 -12.38 -46.90
N LEU B 69 17.69 -12.55 -45.82
CA LEU B 69 19.14 -12.33 -45.90
C LEU B 69 19.81 -13.25 -46.91
N GLN B 70 19.51 -14.54 -46.85
CA GLN B 70 20.09 -15.51 -47.79
C GLN B 70 19.53 -15.35 -49.20
N ASP B 71 18.28 -14.91 -49.31
CA ASP B 71 17.65 -14.76 -50.62
C ASP B 71 16.70 -13.57 -50.61
N PRO B 72 17.24 -12.35 -50.73
CA PRO B 72 16.46 -11.11 -50.73
C PRO B 72 15.40 -11.04 -51.82
N ALA B 73 15.77 -11.45 -53.03
CA ALA B 73 14.88 -11.40 -54.18
C ALA B 73 13.73 -12.41 -54.15
N GLY B 74 14.07 -13.68 -53.89
CA GLY B 74 13.08 -14.73 -53.85
C GLY B 74 12.03 -14.45 -52.80
N ASN B 75 12.48 -13.99 -51.64
CA ASN B 75 11.59 -13.66 -50.55
C ASN B 75 10.80 -12.38 -50.80
N LYS B 76 11.47 -11.35 -51.30
CA LYS B 76 10.82 -10.08 -51.59
C LYS B 76 9.73 -10.29 -52.65
N ALA B 77 9.97 -11.20 -53.58
CA ALA B 77 9.00 -11.49 -54.63
C ALA B 77 7.76 -12.12 -54.03
N LYS B 78 7.95 -13.11 -53.16
CA LYS B 78 6.84 -13.78 -52.49
C LYS B 78 5.93 -12.75 -51.84
N VAL B 79 6.55 -11.80 -51.14
CA VAL B 79 5.85 -10.73 -50.43
C VAL B 79 5.06 -9.80 -51.35
N GLU B 80 5.69 -9.39 -52.45
CA GLU B 80 5.04 -8.52 -53.42
C GLU B 80 3.86 -9.19 -54.10
N ARG B 81 3.99 -10.49 -54.35
CA ARG B 81 2.92 -11.25 -54.99
C ARG B 81 1.70 -11.14 -54.11
N VAL B 82 1.91 -11.36 -52.82
CA VAL B 82 0.85 -11.30 -51.83
C VAL B 82 0.30 -9.89 -51.62
N VAL B 83 1.15 -8.88 -51.71
CA VAL B 83 0.67 -7.52 -51.53
C VAL B 83 -0.08 -7.03 -52.75
N ASP B 84 0.38 -7.39 -53.93
CA ASP B 84 -0.28 -6.98 -55.16
C ASP B 84 -1.69 -7.57 -55.24
N ALA B 85 -1.78 -8.86 -54.93
CA ALA B 85 -3.04 -9.58 -54.94
C ALA B 85 -4.03 -9.00 -53.94
N ALA B 86 -3.51 -8.52 -52.80
CA ALA B 86 -4.33 -7.93 -51.75
C ALA B 86 -4.96 -6.63 -52.23
N ILE B 87 -4.16 -5.83 -52.91
CA ILE B 87 -4.61 -4.56 -53.46
C ILE B 87 -5.73 -4.82 -54.48
N ALA B 88 -5.54 -5.86 -55.29
CA ALA B 88 -6.51 -6.24 -56.32
C ALA B 88 -7.79 -6.82 -55.74
N ASN B 89 -7.72 -7.37 -54.54
CA ASN B 89 -8.88 -7.97 -53.90
C ASN B 89 -9.48 -7.16 -52.78
N ASP B 90 -9.16 -5.88 -52.71
CA ASP B 90 -9.66 -4.98 -51.67
C ASP B 90 -9.43 -5.47 -50.26
N MET B 91 -8.19 -5.83 -49.95
CA MET B 91 -7.82 -6.30 -48.63
C MET B 91 -6.65 -5.49 -48.09
N TYR B 92 -6.39 -5.62 -46.80
CA TYR B 92 -5.27 -4.96 -46.17
C TYR B 92 -4.12 -5.93 -46.23
N ALA B 93 -2.93 -5.43 -46.54
CA ALA B 93 -1.76 -6.28 -46.61
C ALA B 93 -0.77 -5.81 -45.58
N ILE B 94 -0.31 -6.73 -44.74
CA ILE B 94 0.68 -6.43 -43.71
C ILE B 94 2.02 -6.97 -44.16
N ILE B 95 3.00 -6.11 -44.38
CA ILE B 95 4.33 -6.55 -44.79
C ILE B 95 5.09 -6.79 -43.50
N GLY B 96 5.35 -8.05 -43.18
CA GLY B 96 6.04 -8.34 -41.94
C GLY B 96 7.51 -8.70 -41.98
N TRP B 97 8.26 -8.08 -41.08
CA TRP B 97 9.67 -8.33 -40.92
C TRP B 97 9.63 -9.40 -39.84
N HIS B 98 9.53 -10.66 -40.28
CA HIS B 98 9.43 -11.79 -39.36
C HIS B 98 10.76 -12.15 -38.71
N SER B 99 11.17 -11.34 -37.74
CA SER B 99 12.43 -11.58 -37.05
C SER B 99 12.29 -11.55 -35.55
N HIS B 100 13.20 -12.24 -34.87
CA HIS B 100 13.22 -12.29 -33.41
C HIS B 100 14.38 -11.47 -32.87
N SER B 101 15.14 -10.88 -33.77
CA SER B 101 16.28 -10.07 -33.41
C SER B 101 16.58 -9.05 -34.52
N ALA B 102 15.53 -8.36 -34.95
CA ALA B 102 15.63 -7.36 -36.01
C ALA B 102 16.68 -6.31 -35.69
N GLU B 103 16.88 -6.06 -34.40
CA GLU B 103 17.85 -5.08 -33.93
C GLU B 103 19.30 -5.37 -34.34
N ASN B 104 19.55 -6.61 -34.78
CA ASN B 104 20.88 -7.04 -35.20
C ASN B 104 21.13 -6.77 -36.69
N ASN B 105 20.09 -6.43 -37.44
CA ASN B 105 20.23 -6.17 -38.88
C ASN B 105 19.49 -4.91 -39.31
N ARG B 106 19.64 -3.85 -38.52
CA ARG B 106 18.97 -2.59 -38.81
C ARG B 106 19.16 -2.08 -40.23
N SER B 107 20.38 -2.11 -40.75
CA SER B 107 20.64 -1.61 -42.10
C SER B 107 19.74 -2.25 -43.14
N GLU B 108 19.62 -3.58 -43.06
CA GLU B 108 18.81 -4.32 -44.02
C GLU B 108 17.32 -4.03 -43.92
N ALA B 109 16.85 -3.80 -42.69
CA ALA B 109 15.44 -3.50 -42.49
C ALA B 109 15.08 -2.14 -43.05
N ILE B 110 15.94 -1.15 -42.85
CA ILE B 110 15.67 0.19 -43.35
C ILE B 110 15.62 0.18 -44.87
N ARG B 111 16.57 -0.52 -45.49
CA ARG B 111 16.63 -0.60 -46.94
C ARG B 111 15.34 -1.22 -47.50
N PHE B 112 15.00 -2.39 -46.95
CA PHE B 112 13.81 -3.12 -47.38
C PHE B 112 12.55 -2.26 -47.29
N PHE B 113 12.34 -1.62 -46.14
CA PHE B 113 11.15 -0.80 -45.95
C PHE B 113 11.08 0.48 -46.75
N GLN B 114 12.23 1.05 -47.07
CA GLN B 114 12.27 2.26 -47.89
C GLN B 114 11.77 1.93 -49.27
N GLU B 115 12.24 0.80 -49.80
CA GLU B 115 11.82 0.37 -51.13
C GLU B 115 10.33 0.03 -51.15
N MET B 116 9.85 -0.60 -50.08
CA MET B 116 8.42 -0.96 -49.97
C MET B 116 7.56 0.30 -49.86
N ALA B 117 8.06 1.32 -49.17
CA ALA B 117 7.34 2.58 -48.98
C ALA B 117 7.25 3.39 -50.27
N ARG B 118 8.25 3.31 -51.13
CA ARG B 118 8.24 4.03 -52.39
C ARG B 118 7.29 3.37 -53.36
N LYS B 119 7.28 2.04 -53.33
CA LYS B 119 6.44 1.22 -54.19
C LYS B 119 4.96 1.23 -53.80
N TYR B 120 4.67 0.95 -52.53
CA TYR B 120 3.30 0.86 -52.03
C TYR B 120 2.82 1.98 -51.12
N GLY B 121 3.73 2.85 -50.70
CA GLY B 121 3.35 3.92 -49.80
C GLY B 121 2.10 4.71 -50.14
N ASN B 122 1.70 4.74 -51.40
CA ASN B 122 0.51 5.49 -51.83
C ASN B 122 -0.78 4.70 -51.81
N LYS B 123 -0.68 3.43 -51.44
CA LYS B 123 -1.83 2.57 -51.37
C LYS B 123 -2.27 2.46 -49.90
N PRO B 124 -3.58 2.57 -49.63
CA PRO B 124 -4.07 2.48 -48.25
C PRO B 124 -4.11 1.05 -47.72
N ASN B 125 -3.91 0.08 -48.60
CA ASN B 125 -3.95 -1.32 -48.20
C ASN B 125 -2.76 -1.74 -47.37
N VAL B 126 -1.60 -1.16 -47.67
CA VAL B 126 -0.34 -1.55 -47.03
C VAL B 126 -0.11 -1.10 -45.60
N ILE B 127 0.33 -2.06 -44.79
CA ILE B 127 0.61 -1.88 -43.36
C ILE B 127 2.03 -2.41 -43.13
N TYR B 128 2.82 -1.73 -42.31
CA TYR B 128 4.20 -2.16 -42.05
C TYR B 128 4.42 -2.73 -40.67
N GLU B 129 4.89 -3.97 -40.59
CA GLU B 129 5.19 -4.60 -39.29
C GLU B 129 6.69 -4.78 -39.32
N ILE B 130 7.38 -3.94 -38.57
CA ILE B 130 8.83 -3.91 -38.59
C ILE B 130 9.63 -4.79 -37.66
N TYR B 131 8.98 -5.49 -36.75
CA TYR B 131 9.70 -6.37 -35.83
C TYR B 131 8.72 -7.34 -35.18
N ASN B 132 8.48 -8.45 -35.88
CA ASN B 132 7.54 -9.49 -35.43
C ASN B 132 7.49 -9.82 -33.95
N GLU B 133 8.52 -10.47 -33.43
CA GLU B 133 8.51 -10.87 -32.03
C GLU B 133 9.83 -10.72 -31.32
N PRO B 134 10.04 -9.60 -30.64
CA PRO B 134 11.28 -9.39 -29.89
C PRO B 134 11.30 -10.44 -28.77
N LEU B 135 12.48 -10.88 -28.33
CA LEU B 135 12.56 -11.87 -27.26
C LEU B 135 12.58 -11.17 -25.90
N GLN B 136 13.28 -11.74 -24.91
CA GLN B 136 13.38 -11.14 -23.57
C GLN B 136 14.32 -9.95 -23.73
N VAL B 137 13.80 -8.89 -24.33
CA VAL B 137 14.56 -7.69 -24.64
C VAL B 137 13.88 -6.45 -24.06
N SER B 138 14.65 -5.39 -23.89
CA SER B 138 14.14 -4.14 -23.35
C SER B 138 13.43 -3.28 -24.40
N TRP B 139 12.34 -2.64 -23.99
CA TRP B 139 11.62 -1.77 -24.91
C TRP B 139 12.48 -0.53 -25.16
N SER B 140 12.92 0.12 -24.09
CA SER B 140 13.73 1.33 -24.20
C SER B 140 15.18 1.20 -24.67
N ASN B 141 15.86 0.14 -24.25
CA ASN B 141 17.26 -0.04 -24.62
C ASN B 141 17.56 -0.84 -25.87
N THR B 142 16.54 -1.46 -26.47
CA THR B 142 16.77 -2.26 -27.69
C THR B 142 15.71 -2.12 -28.78
N ILE B 143 14.43 -2.27 -28.44
CA ILE B 143 13.36 -2.19 -29.44
C ILE B 143 13.05 -0.76 -29.92
N LYS B 144 12.76 0.14 -28.97
CA LYS B 144 12.44 1.51 -29.32
C LYS B 144 13.51 2.17 -30.19
N PRO B 145 14.80 2.04 -29.83
CA PRO B 145 15.86 2.65 -30.64
C PRO B 145 15.79 2.14 -32.08
N TYR B 146 15.61 0.83 -32.22
CA TYR B 146 15.52 0.22 -33.53
C TYR B 146 14.30 0.73 -34.28
N ALA B 147 13.18 0.80 -33.58
CA ALA B 147 11.91 1.25 -34.17
C ALA B 147 11.96 2.68 -34.71
N GLU B 148 12.55 3.59 -33.94
CA GLU B 148 12.63 4.99 -34.34
C GLU B 148 13.41 5.24 -35.63
N ALA B 149 14.51 4.50 -35.80
CA ALA B 149 15.32 4.67 -37.00
C ALA B 149 14.56 4.19 -38.23
N VAL B 150 13.82 3.09 -38.09
CA VAL B 150 13.05 2.56 -39.21
C VAL B 150 11.82 3.41 -39.47
N ILE B 151 11.20 3.90 -38.41
CA ILE B 151 10.01 4.73 -38.59
C ILE B 151 10.39 6.02 -39.32
N SER B 152 11.51 6.62 -38.93
CA SER B 152 11.99 7.84 -39.59
C SER B 152 12.22 7.62 -41.07
N ALA B 153 12.83 6.48 -41.42
CA ALA B 153 13.09 6.15 -42.81
C ALA B 153 11.81 5.96 -43.60
N ILE B 154 10.85 5.22 -43.02
CA ILE B 154 9.58 4.98 -43.69
C ILE B 154 8.77 6.28 -43.79
N ARG B 155 8.68 7.00 -42.69
CA ARG B 155 7.90 8.23 -42.62
C ARG B 155 8.35 9.38 -43.51
N ALA B 156 9.59 9.33 -43.98
CA ALA B 156 10.10 10.37 -44.85
C ALA B 156 9.54 10.16 -46.26
N ILE B 157 9.18 8.92 -46.57
CA ILE B 157 8.64 8.55 -47.88
C ILE B 157 7.11 8.39 -47.85
N ASP B 158 6.63 7.68 -46.83
CA ASP B 158 5.21 7.38 -46.63
C ASP B 158 4.87 7.93 -45.25
N PRO B 159 4.23 9.09 -45.18
CA PRO B 159 3.87 9.72 -43.91
C PRO B 159 2.64 9.23 -43.15
N ASP B 160 1.78 8.46 -43.80
CA ASP B 160 0.56 8.05 -43.13
C ASP B 160 0.24 6.57 -42.92
N ASN B 161 0.65 5.70 -43.83
CA ASN B 161 0.36 4.28 -43.70
C ASN B 161 0.78 3.76 -42.35
N LEU B 162 -0.10 2.95 -41.76
CA LEU B 162 0.10 2.36 -40.44
C LEU B 162 1.36 1.51 -40.29
N ILE B 163 2.06 1.71 -39.19
CA ILE B 163 3.25 0.94 -38.87
C ILE B 163 2.99 0.29 -37.51
N ILE B 164 3.25 -1.00 -37.41
CA ILE B 164 3.03 -1.74 -36.17
C ILE B 164 4.38 -2.14 -35.62
N VAL B 165 4.59 -1.88 -34.34
CA VAL B 165 5.84 -2.20 -33.70
C VAL B 165 5.71 -3.28 -32.64
N GLY B 166 6.54 -4.31 -32.75
CA GLY B 166 6.53 -5.40 -31.79
C GLY B 166 6.90 -4.96 -30.38
N THR B 167 6.44 -5.71 -29.40
CA THR B 167 6.71 -5.42 -27.98
C THR B 167 7.57 -6.53 -27.35
N PRO B 168 8.13 -6.30 -26.14
CA PRO B 168 8.98 -7.30 -25.49
C PRO B 168 8.28 -8.60 -25.15
N SER B 169 9.08 -9.67 -25.10
CA SER B 169 8.61 -10.99 -24.75
C SER B 169 7.57 -11.57 -25.69
N TRP B 170 7.98 -11.81 -26.94
CA TRP B 170 7.08 -12.40 -27.93
C TRP B 170 5.84 -11.51 -28.14
N SER B 171 6.04 -10.21 -27.99
CA SER B 171 4.98 -9.23 -28.16
C SER B 171 3.84 -9.41 -27.18
N GLN B 172 4.16 -9.30 -25.90
CA GLN B 172 3.18 -9.43 -24.82
C GLN B 172 3.23 -8.22 -23.90
N ASN B 173 4.44 -7.71 -23.67
CA ASN B 173 4.64 -6.57 -22.79
C ASN B 173 4.26 -5.24 -23.44
N VAL B 174 3.01 -5.15 -23.89
CA VAL B 174 2.49 -3.94 -24.53
C VAL B 174 2.41 -2.81 -23.53
N ASP B 175 2.22 -3.16 -22.26
CA ASP B 175 2.14 -2.19 -21.17
C ASP B 175 3.46 -1.42 -20.99
N GLU B 176 4.58 -2.11 -21.17
CA GLU B 176 5.91 -1.54 -21.06
C GLU B 176 6.03 -0.46 -22.14
N ALA B 177 5.57 -0.79 -23.34
CA ALA B 177 5.63 0.14 -24.47
C ALA B 177 4.83 1.40 -24.27
N SER B 178 3.64 1.27 -23.67
CA SER B 178 2.75 2.41 -23.43
C SER B 178 3.32 3.48 -22.49
N ARG B 179 4.35 3.11 -21.72
CA ARG B 179 4.99 4.03 -20.78
C ARG B 179 6.11 4.84 -21.41
N ASP B 180 6.53 4.45 -22.61
CA ASP B 180 7.59 5.15 -23.34
C ASP B 180 7.29 5.01 -24.83
N PRO B 181 6.19 5.64 -25.29
CA PRO B 181 5.75 5.63 -26.68
C PRO B 181 6.64 6.37 -27.68
N ILE B 182 6.37 6.13 -28.96
CA ILE B 182 7.11 6.75 -30.04
C ILE B 182 6.34 7.96 -30.54
N ASN B 183 7.05 9.06 -30.77
CA ASN B 183 6.43 10.29 -31.23
C ASN B 183 6.41 10.35 -32.75
N ALA B 184 5.55 9.52 -33.31
CA ALA B 184 5.40 9.45 -34.73
C ALA B 184 3.90 9.29 -34.98
N LYS B 185 3.47 9.61 -36.19
CA LYS B 185 2.08 9.57 -36.57
C LYS B 185 1.30 8.27 -36.25
N ASN B 186 0.83 7.57 -37.27
CA ASN B 186 0.05 6.36 -37.09
C ASN B 186 0.87 5.12 -36.71
N ILE B 187 1.18 5.00 -35.42
CA ILE B 187 1.97 3.89 -34.88
C ILE B 187 1.10 2.99 -33.98
N ALA B 188 1.16 1.68 -34.21
CA ALA B 188 0.40 0.73 -33.39
C ALA B 188 1.41 -0.22 -32.79
N TYR B 189 1.05 -0.83 -31.67
CA TYR B 189 1.93 -1.75 -30.97
C TYR B 189 1.33 -3.15 -30.97
N THR B 190 2.20 -4.13 -31.19
CA THR B 190 1.84 -5.54 -31.31
C THR B 190 1.45 -6.31 -30.07
N LEU B 191 0.42 -7.14 -30.21
CA LEU B 191 -0.04 -8.03 -29.15
C LEU B 191 -0.21 -9.38 -29.83
N HIS B 192 0.48 -10.39 -29.30
CA HIS B 192 0.41 -11.74 -29.82
C HIS B 192 -0.03 -12.63 -28.68
N PHE B 193 -0.92 -13.58 -28.96
CA PHE B 193 -1.41 -14.51 -27.96
C PHE B 193 -1.85 -15.82 -28.58
N TYR B 194 -1.94 -16.85 -27.74
CA TYR B 194 -2.36 -18.19 -28.14
C TYR B 194 -3.32 -18.62 -27.03
N ALA B 195 -4.60 -18.81 -27.38
CA ALA B 195 -5.66 -19.19 -26.41
C ALA B 195 -5.32 -20.34 -25.48
N GLY B 196 -4.59 -21.33 -25.98
CA GLY B 196 -4.23 -22.47 -25.15
C GLY B 196 -3.24 -22.13 -24.06
N THR B 197 -2.51 -21.04 -24.22
CA THR B 197 -1.48 -20.64 -23.25
C THR B 197 -1.76 -19.33 -22.50
N HIS B 198 -2.23 -18.32 -23.21
CA HIS B 198 -2.47 -17.00 -22.62
C HIS B 198 -3.94 -16.71 -22.39
N GLY B 199 -4.20 -16.01 -21.30
CA GLY B 199 -5.55 -15.65 -20.94
C GLY B 199 -5.68 -14.33 -20.25
N GLU B 200 -6.45 -14.33 -19.17
CA GLU B 200 -6.74 -13.14 -18.40
C GLU B 200 -5.59 -12.21 -18.02
N SER B 201 -4.46 -12.76 -17.57
CA SER B 201 -3.34 -11.89 -17.19
C SER B 201 -2.79 -11.10 -18.37
N LEU B 202 -2.81 -11.70 -19.56
CA LEU B 202 -2.32 -10.99 -20.73
C LEU B 202 -3.36 -9.95 -21.10
N ARG B 203 -4.64 -10.34 -21.04
CA ARG B 203 -5.73 -9.42 -21.35
C ARG B 203 -5.65 -8.17 -20.50
N ASN B 204 -5.20 -8.33 -19.26
CA ASN B 204 -5.05 -7.21 -18.34
C ASN B 204 -3.92 -6.26 -18.75
N LYS B 205 -2.78 -6.81 -19.17
CA LYS B 205 -1.66 -5.98 -19.61
C LYS B 205 -2.15 -5.19 -20.83
N ALA B 206 -2.88 -5.90 -21.70
CA ALA B 206 -3.45 -5.29 -22.88
C ALA B 206 -4.33 -4.12 -22.45
N ARG B 207 -5.24 -4.36 -21.50
CA ARG B 207 -6.13 -3.31 -21.02
C ARG B 207 -5.38 -2.11 -20.47
N GLN B 208 -4.28 -2.38 -19.77
CA GLN B 208 -3.43 -1.33 -19.19
C GLN B 208 -2.85 -0.43 -20.30
N ALA B 209 -2.39 -1.06 -21.36
CA ALA B 209 -1.82 -0.33 -22.49
C ALA B 209 -2.89 0.55 -23.11
N LEU B 210 -4.10 0.03 -23.31
CA LEU B 210 -5.17 0.83 -23.88
C LEU B 210 -5.41 2.07 -23.01
N ASN B 211 -5.40 1.85 -21.70
CA ASN B 211 -5.62 2.92 -20.75
C ASN B 211 -4.53 4.00 -20.82
N ASN B 212 -3.32 3.60 -21.21
CA ASN B 212 -2.22 4.57 -21.33
C ASN B 212 -2.24 5.28 -22.69
N GLY B 213 -3.30 5.06 -23.47
CA GLY B 213 -3.45 5.74 -24.75
C GLY B 213 -2.60 5.31 -25.93
N ILE B 214 -2.38 4.00 -26.04
CA ILE B 214 -1.59 3.40 -27.10
C ILE B 214 -2.52 2.43 -27.86
N ALA B 215 -2.43 2.40 -29.18
CA ALA B 215 -3.28 1.51 -29.99
C ALA B 215 -2.62 0.15 -30.21
N LEU B 216 -3.42 -0.90 -30.08
CA LEU B 216 -2.90 -2.25 -30.27
C LEU B 216 -3.41 -2.85 -31.55
N PHE B 217 -2.70 -3.88 -32.01
CA PHE B 217 -3.06 -4.59 -33.21
C PHE B 217 -2.50 -5.99 -33.02
N VAL B 218 -3.36 -6.99 -33.13
CA VAL B 218 -2.94 -8.37 -32.96
C VAL B 218 -2.62 -8.95 -34.32
N THR B 219 -1.36 -8.82 -34.73
CA THR B 219 -0.91 -9.31 -36.03
C THR B 219 -0.70 -10.82 -36.07
N GLU B 220 -0.80 -11.48 -34.93
CA GLU B 220 -0.63 -12.91 -34.88
C GLU B 220 -1.22 -13.47 -33.59
N TRP B 221 -2.15 -14.41 -33.72
CA TRP B 221 -2.80 -15.05 -32.56
C TRP B 221 -3.19 -16.47 -32.96
N GLY B 222 -3.26 -17.37 -31.98
CA GLY B 222 -3.62 -18.75 -32.28
C GLY B 222 -4.68 -19.30 -31.34
N THR B 223 -5.40 -20.30 -31.82
CA THR B 223 -6.47 -20.94 -31.05
C THR B 223 -5.89 -22.00 -30.11
N VAL B 224 -4.71 -22.49 -30.48
CA VAL B 224 -3.97 -23.52 -29.77
C VAL B 224 -2.91 -22.93 -28.81
N ASN B 225 -2.06 -23.78 -28.24
CA ASN B 225 -0.99 -23.35 -27.34
C ASN B 225 0.09 -22.59 -28.13
N ALA B 226 0.89 -21.80 -27.42
CA ALA B 226 1.95 -21.00 -28.04
C ALA B 226 2.93 -21.78 -28.91
N ASP B 227 3.21 -23.02 -28.55
CA ASP B 227 4.13 -23.84 -29.34
C ASP B 227 3.58 -24.23 -30.72
N GLY B 228 2.27 -24.38 -30.85
CA GLY B 228 1.72 -24.74 -32.14
C GLY B 228 0.63 -25.79 -32.20
N ASN B 229 0.61 -26.73 -31.26
CA ASN B 229 -0.43 -27.77 -31.27
C ASN B 229 -0.93 -28.15 -29.91
N GLY B 230 -2.04 -28.89 -29.89
CA GLY B 230 -2.62 -29.30 -28.64
C GLY B 230 -4.12 -29.15 -28.59
N GLY B 231 -4.75 -28.90 -29.74
CA GLY B 231 -6.19 -28.74 -29.76
C GLY B 231 -6.65 -27.34 -29.39
N VAL B 232 -7.76 -26.94 -30.00
CA VAL B 232 -8.35 -25.62 -29.79
C VAL B 232 -8.87 -25.43 -28.38
N ASN B 233 -8.49 -24.33 -27.73
CA ASN B 233 -8.99 -24.02 -26.40
C ASN B 233 -10.21 -23.15 -26.66
N GLN B 234 -11.35 -23.80 -26.89
CA GLN B 234 -12.61 -23.14 -27.17
C GLN B 234 -12.96 -21.95 -26.28
N THR B 235 -12.94 -22.16 -24.97
CA THR B 235 -13.29 -21.11 -24.02
C THR B 235 -12.42 -19.84 -24.03
N GLU B 236 -11.12 -20.02 -24.00
CA GLU B 236 -10.20 -18.89 -24.00
C GLU B 236 -10.25 -18.17 -25.35
N THR B 237 -10.43 -18.94 -26.42
CA THR B 237 -10.52 -18.38 -27.76
C THR B 237 -11.72 -17.43 -27.86
N ASP B 238 -12.85 -17.84 -27.31
CA ASP B 238 -14.07 -17.03 -27.31
C ASP B 238 -13.92 -15.74 -26.49
N ALA B 239 -13.24 -15.86 -25.35
CA ALA B 239 -13.03 -14.71 -24.47
C ALA B 239 -12.16 -13.67 -25.19
N TRP B 240 -11.15 -14.16 -25.91
CA TRP B 240 -10.24 -13.26 -26.63
C TRP B 240 -10.96 -12.54 -27.75
N VAL B 241 -11.73 -13.29 -28.53
CA VAL B 241 -12.49 -12.71 -29.64
C VAL B 241 -13.40 -11.60 -29.16
N THR B 242 -14.11 -11.87 -28.07
CA THR B 242 -15.00 -10.87 -27.51
C THR B 242 -14.18 -9.63 -27.13
N PHE B 243 -13.05 -9.85 -26.48
CA PHE B 243 -12.18 -8.76 -26.09
C PHE B 243 -11.74 -7.96 -27.31
N MET B 244 -11.24 -8.62 -28.33
CA MET B 244 -10.79 -7.90 -29.50
C MET B 244 -11.91 -7.08 -30.13
N ARG B 245 -13.09 -7.68 -30.19
CA ARG B 245 -14.23 -7.01 -30.80
C ARG B 245 -14.72 -5.81 -30.00
N ASP B 246 -14.75 -5.95 -28.69
CA ASP B 246 -15.22 -4.86 -27.87
C ASP B 246 -14.26 -3.69 -27.90
N ASN B 247 -12.96 -3.99 -28.00
CA ASN B 247 -11.93 -2.96 -28.03
C ASN B 247 -11.42 -2.58 -29.42
N ASN B 248 -12.13 -3.00 -30.45
CA ASN B 248 -11.77 -2.69 -31.83
C ASN B 248 -10.33 -2.97 -32.22
N ILE B 249 -9.86 -4.17 -31.90
CA ILE B 249 -8.51 -4.60 -32.21
C ILE B 249 -8.53 -5.48 -33.44
N SER B 250 -7.82 -5.07 -34.48
CA SER B 250 -7.73 -5.86 -35.69
C SER B 250 -6.85 -7.06 -35.36
N ASN B 251 -7.04 -8.16 -36.05
CA ASN B 251 -6.29 -9.37 -35.76
C ASN B 251 -6.07 -10.24 -36.98
N ALA B 252 -4.98 -11.00 -36.97
CA ALA B 252 -4.65 -11.90 -38.06
C ALA B 252 -4.26 -13.24 -37.46
N ASN B 253 -5.05 -14.27 -37.76
CA ASN B 253 -4.82 -15.59 -37.20
C ASN B 253 -3.60 -16.29 -37.75
N TRP B 254 -2.94 -17.08 -36.84
CA TRP B 254 -1.72 -17.76 -37.26
C TRP B 254 -2.01 -19.16 -37.60
N ALA B 255 -1.90 -20.05 -38.99
CA ALA B 255 -1.34 -19.50 -39.97
C ALA B 255 -2.21 -20.69 -41.04
N LEU B 256 -2.39 -19.90 -42.07
CA LEU B 256 -3.08 -20.24 -43.24
C LEU B 256 -2.09 -21.10 -43.99
N ASN B 257 -1.96 -22.34 -43.52
CA ASN B 257 -0.89 -23.24 -43.96
C ASN B 257 -1.36 -24.67 -43.73
N ASP B 258 -0.63 -25.63 -44.29
CA ASP B 258 -0.96 -27.05 -44.16
C ASP B 258 0.08 -27.89 -43.42
N LYS B 259 0.87 -27.26 -42.55
CA LYS B 259 1.89 -27.97 -41.78
C LYS B 259 1.23 -28.87 -40.76
N ASN B 260 1.89 -29.99 -40.44
CA ASN B 260 1.35 -30.94 -39.48
C ASN B 260 1.40 -30.43 -38.05
N GLU B 261 0.52 -29.49 -37.73
CA GLU B 261 0.44 -28.93 -36.39
C GLU B 261 -0.93 -28.30 -36.18
N GLY B 262 -1.32 -28.15 -34.92
CA GLY B 262 -2.63 -27.61 -34.60
C GLY B 262 -2.98 -26.21 -35.07
N ALA B 263 -2.00 -25.31 -35.15
CA ALA B 263 -2.24 -23.94 -35.57
C ALA B 263 -2.65 -23.84 -37.02
N SER B 264 -2.21 -24.79 -37.84
CA SER B 264 -2.52 -24.79 -39.28
C SER B 264 -4.01 -24.82 -39.58
N THR B 265 -4.39 -24.20 -40.70
CA THR B 265 -5.79 -24.18 -41.12
C THR B 265 -6.19 -25.45 -41.87
N TYR B 266 -5.23 -26.02 -42.59
CA TYR B 266 -5.45 -27.20 -43.39
C TYR B 266 -4.66 -28.41 -42.92
N TYR B 267 -5.06 -29.59 -43.40
CA TYR B 267 -4.36 -30.83 -43.10
C TYR B 267 -3.36 -30.95 -44.25
N PRO B 268 -2.17 -31.49 -44.00
CA PRO B 268 -1.12 -31.65 -45.00
C PRO B 268 -1.61 -32.07 -46.40
N ASP B 269 -1.08 -31.39 -47.42
CA ASP B 269 -1.44 -31.70 -48.80
C ASP B 269 -2.89 -31.55 -49.19
N SER B 270 -3.65 -30.76 -48.44
CA SER B 270 -5.06 -30.57 -48.74
C SER B 270 -5.57 -29.16 -48.42
N LYS B 271 -6.88 -29.00 -48.55
CA LYS B 271 -7.57 -27.76 -48.28
C LYS B 271 -8.72 -28.04 -47.31
N ASN B 272 -8.64 -29.16 -46.59
CA ASN B 272 -9.67 -29.51 -45.62
C ASN B 272 -9.36 -28.72 -44.35
N LEU B 273 -10.40 -28.24 -43.68
CA LEU B 273 -10.22 -27.45 -42.47
C LEU B 273 -9.93 -28.30 -41.23
N THR B 274 -9.01 -27.82 -40.40
CA THR B 274 -8.65 -28.49 -39.15
C THR B 274 -9.59 -27.98 -38.07
N GLU B 275 -9.38 -28.41 -36.84
CA GLU B 275 -10.22 -27.95 -35.76
C GLU B 275 -10.03 -26.43 -35.62
N SER B 276 -8.80 -25.98 -35.87
CA SER B 276 -8.47 -24.56 -35.80
C SER B 276 -8.98 -23.85 -37.04
N GLY B 277 -8.86 -24.48 -38.19
CA GLY B 277 -9.33 -23.88 -39.42
C GLY B 277 -10.80 -23.54 -39.38
N LYS B 278 -11.62 -24.49 -38.93
CA LYS B 278 -13.06 -24.31 -38.83
C LYS B 278 -13.45 -23.20 -37.88
N LYS B 279 -12.86 -23.21 -36.69
CA LYS B 279 -13.16 -22.23 -35.67
C LYS B 279 -12.87 -20.83 -36.21
N VAL B 280 -11.63 -20.64 -36.66
CA VAL B 280 -11.18 -19.38 -37.21
C VAL B 280 -12.02 -18.87 -38.36
N LYS B 281 -12.31 -19.76 -39.30
CA LYS B 281 -13.12 -19.40 -40.45
C LYS B 281 -14.47 -18.79 -40.07
N SER B 282 -15.17 -19.38 -39.11
CA SER B 282 -16.46 -18.84 -38.71
C SER B 282 -16.28 -17.47 -38.07
N ILE B 283 -15.21 -17.34 -37.29
CA ILE B 283 -14.87 -16.07 -36.62
C ILE B 283 -14.65 -14.97 -37.65
N ILE B 284 -13.77 -15.26 -38.60
CA ILE B 284 -13.44 -14.32 -39.65
C ILE B 284 -14.68 -13.92 -40.47
N GLN B 285 -15.44 -14.91 -40.92
CA GLN B 285 -16.64 -14.65 -41.73
C GLN B 285 -17.69 -13.80 -41.08
N SER B 286 -17.86 -13.93 -39.77
CA SER B 286 -18.88 -13.17 -39.10
C SER B 286 -18.34 -11.88 -38.49
N TRP B 287 -17.12 -11.49 -38.85
CA TRP B 287 -16.58 -10.26 -38.29
C TRP B 287 -17.51 -9.12 -38.69
N PRO B 288 -17.89 -8.26 -37.72
CA PRO B 288 -18.79 -7.14 -37.95
C PRO B 288 -18.46 -6.17 -39.08
N TYR B 289 -17.18 -5.98 -39.36
CA TYR B 289 -16.74 -5.09 -40.44
C TYR B 289 -15.91 -5.88 -41.43
N LYS B 290 -16.06 -5.56 -42.71
CA LYS B 290 -15.31 -6.20 -43.79
C LYS B 290 -14.61 -5.07 -44.60
N ALA B 291 -13.44 -5.36 -45.17
CA ALA B 291 -12.70 -4.36 -45.94
C ALA B 291 -13.30 -4.02 -47.31
N SER C 1 -11.97 -9.95 -2.53
CA SER C 1 -13.25 -10.40 -1.94
C SER C 1 -14.35 -9.52 -2.53
N VAL C 2 -15.25 -9.02 -1.68
CA VAL C 2 -16.37 -8.18 -2.11
C VAL C 2 -17.44 -9.02 -2.82
N GLU C 3 -18.51 -9.33 -2.10
CA GLU C 3 -19.61 -10.12 -2.65
C GLU C 3 -20.50 -9.24 -3.52
N PRO C 4 -21.08 -9.80 -4.58
CA PRO C 4 -21.96 -9.01 -5.46
C PRO C 4 -23.19 -8.53 -4.70
N LEU C 5 -23.74 -7.41 -5.11
CA LEU C 5 -24.91 -6.85 -4.45
C LEU C 5 -26.15 -7.11 -5.31
N SER C 6 -27.28 -7.37 -4.66
CA SER C 6 -28.53 -7.61 -5.37
C SER C 6 -29.72 -7.08 -4.55
N VAL C 7 -30.84 -6.80 -5.22
CA VAL C 7 -32.01 -6.29 -4.52
C VAL C 7 -33.13 -7.32 -4.53
N ASN C 8 -33.51 -7.75 -3.33
CA ASN C 8 -34.62 -8.70 -3.20
C ASN C 8 -35.69 -7.97 -2.39
N GLY C 9 -36.62 -7.35 -3.11
CA GLY C 9 -37.69 -6.60 -2.47
C GLY C 9 -37.22 -5.25 -1.98
N ASN C 10 -37.28 -5.05 -0.66
CA ASN C 10 -36.85 -3.80 -0.03
C ASN C 10 -35.50 -3.96 0.64
N LYS C 11 -34.79 -5.03 0.30
CA LYS C 11 -33.49 -5.30 0.90
C LYS C 11 -32.37 -5.46 -0.13
N ILE C 12 -31.16 -5.13 0.32
CA ILE C 12 -29.96 -5.24 -0.47
C ILE C 12 -29.20 -6.44 0.11
N TYR C 13 -28.86 -7.39 -0.74
CA TYR C 13 -28.15 -8.59 -0.31
C TYR C 13 -26.75 -8.58 -0.88
N ALA C 14 -25.81 -9.02 -0.05
CA ALA C 14 -24.42 -9.11 -0.45
C ALA C 14 -24.13 -10.61 -0.66
N GLY C 15 -24.15 -11.03 -1.91
CA GLY C 15 -23.89 -12.41 -2.24
C GLY C 15 -25.10 -13.29 -1.99
N GLU C 16 -25.34 -13.61 -0.73
CA GLU C 16 -26.47 -14.47 -0.35
C GLU C 16 -27.33 -13.82 0.72
N LYS C 17 -26.69 -13.29 1.76
CA LYS C 17 -27.38 -12.66 2.88
C LYS C 17 -27.57 -11.15 2.71
N ALA C 18 -28.53 -10.58 3.43
CA ALA C 18 -28.80 -9.15 3.39
C ALA C 18 -27.88 -8.43 4.38
N LYS C 19 -27.10 -7.49 3.87
CA LYS C 19 -26.15 -6.76 4.71
C LYS C 19 -26.10 -5.28 4.37
N SER C 20 -25.60 -4.48 5.31
CA SER C 20 -25.45 -3.04 5.13
C SER C 20 -23.98 -2.69 5.34
N PHE C 21 -23.52 -1.60 4.72
CA PHE C 21 -22.13 -1.16 4.84
C PHE C 21 -22.02 0.34 5.06
N ALA C 22 -21.01 0.74 5.84
CA ALA C 22 -20.77 2.15 6.13
C ALA C 22 -19.56 2.60 5.29
N GLY C 23 -19.66 3.81 4.73
CA GLY C 23 -18.59 4.32 3.90
C GLY C 23 -18.40 5.82 3.96
N ASN C 24 -17.62 6.34 3.02
CA ASN C 24 -17.32 7.76 2.95
C ASN C 24 -17.60 8.31 1.57
N SER C 25 -18.08 9.54 1.53
CA SER C 25 -18.38 10.22 0.29
C SER C 25 -17.34 11.32 0.07
N LEU C 26 -16.62 11.23 -1.04
CA LEU C 26 -15.63 12.25 -1.38
C LEU C 26 -16.42 13.51 -1.73
N PHE C 27 -15.75 14.67 -1.70
CA PHE C 27 -16.37 15.94 -2.03
C PHE C 27 -16.46 16.04 -3.55
N TRP C 28 -17.04 17.11 -4.08
CA TRP C 28 -17.15 17.29 -5.53
C TRP C 28 -15.78 17.13 -6.14
N SER C 29 -15.70 16.45 -7.28
CA SER C 29 -14.43 16.23 -7.95
C SER C 29 -13.93 17.48 -8.69
N ASN C 30 -14.87 18.33 -9.09
CA ASN C 30 -14.61 19.55 -9.86
C ASN C 30 -13.20 20.14 -9.77
N ASN C 31 -12.68 20.58 -10.91
CA ASN C 31 -11.35 21.19 -10.96
C ASN C 31 -11.33 22.46 -10.10
N GLY C 32 -10.37 22.54 -9.18
CA GLY C 32 -10.23 23.71 -8.32
C GLY C 32 -11.20 23.89 -7.17
N TRP C 33 -11.93 22.82 -6.82
CA TRP C 33 -12.91 22.86 -5.72
C TRP C 33 -12.36 22.24 -4.45
N GLY C 34 -11.07 21.96 -4.44
CA GLY C 34 -10.42 21.40 -3.26
C GLY C 34 -10.56 19.92 -2.98
N GLY C 35 -11.78 19.40 -3.01
CA GLY C 35 -12.02 17.99 -2.73
C GLY C 35 -11.26 17.03 -3.60
N GLU C 36 -10.94 17.44 -4.82
CA GLU C 36 -10.22 16.60 -5.76
C GLU C 36 -8.86 16.14 -5.24
N LYS C 37 -8.32 16.85 -4.27
CA LYS C 37 -7.02 16.46 -3.74
C LYS C 37 -7.14 15.12 -3.03
N PHE C 38 -8.38 14.70 -2.76
CA PHE C 38 -8.64 13.44 -2.08
C PHE C 38 -9.01 12.28 -3.00
N TYR C 39 -9.01 12.52 -4.30
CA TYR C 39 -9.33 11.48 -5.27
C TYR C 39 -8.06 10.71 -5.61
N THR C 40 -7.44 10.13 -4.59
CA THR C 40 -6.19 9.40 -4.78
C THR C 40 -6.21 7.99 -4.21
N ALA C 41 -5.47 7.10 -4.86
CA ALA C 41 -5.35 5.72 -4.44
C ALA C 41 -4.88 5.68 -3.01
N ASP C 42 -4.08 6.67 -2.66
CA ASP C 42 -3.54 6.78 -1.32
C ASP C 42 -4.67 7.03 -0.32
N THR C 43 -5.60 7.92 -0.68
CA THR C 43 -6.72 8.26 0.20
C THR C 43 -7.63 7.03 0.44
N VAL C 44 -7.92 6.30 -0.62
CA VAL C 44 -8.76 5.13 -0.54
C VAL C 44 -8.19 4.04 0.37
N ALA C 45 -6.93 3.68 0.18
CA ALA C 45 -6.28 2.67 1.02
C ALA C 45 -6.34 3.05 2.49
N SER C 46 -6.22 4.35 2.76
CA SER C 46 -6.29 4.91 4.10
C SER C 46 -7.67 4.58 4.68
N LEU C 47 -8.71 4.94 3.94
CA LEU C 47 -10.08 4.69 4.34
C LEU C 47 -10.29 3.22 4.68
N LYS C 48 -9.72 2.35 3.85
CA LYS C 48 -9.82 0.91 4.05
C LYS C 48 -9.13 0.45 5.33
N LYS C 49 -7.89 0.88 5.53
CA LYS C 49 -7.11 0.46 6.69
C LYS C 49 -7.34 1.20 8.00
N ASP C 50 -7.36 2.52 7.97
CA ASP C 50 -7.57 3.31 9.18
C ASP C 50 -9.03 3.33 9.60
N TRP C 51 -9.89 3.74 8.66
CA TRP C 51 -11.33 3.84 8.89
C TRP C 51 -12.05 2.52 8.79
N LYS C 52 -11.54 1.62 7.96
CA LYS C 52 -12.16 0.33 7.73
C LYS C 52 -13.49 0.56 7.00
N SER C 53 -13.49 1.63 6.21
CA SER C 53 -14.63 2.05 5.41
C SER C 53 -14.91 0.95 4.38
N SER C 54 -16.18 0.73 4.06
CA SER C 54 -16.53 -0.29 3.08
C SER C 54 -16.91 0.29 1.74
N ILE C 55 -17.28 1.57 1.73
CA ILE C 55 -17.71 2.25 0.52
C ILE C 55 -17.01 3.60 0.33
N VAL C 56 -16.73 3.95 -0.93
CA VAL C 56 -16.15 5.24 -1.27
C VAL C 56 -17.01 5.71 -2.43
N ARG C 57 -17.51 6.93 -2.32
CA ARG C 57 -18.34 7.48 -3.36
C ARG C 57 -17.63 8.61 -4.09
N ALA C 58 -17.50 8.47 -5.41
CA ALA C 58 -16.87 9.49 -6.23
C ALA C 58 -17.99 10.41 -6.70
N ALA C 59 -18.05 11.60 -6.12
CA ALA C 59 -19.07 12.59 -6.44
C ALA C 59 -18.68 13.51 -7.60
N MET C 60 -18.70 12.97 -8.82
CA MET C 60 -18.32 13.75 -9.98
C MET C 60 -19.31 14.84 -10.38
N GLY C 61 -18.94 16.09 -10.12
CA GLY C 61 -19.77 17.23 -10.47
C GLY C 61 -20.00 17.25 -11.98
N VAL C 62 -21.12 17.77 -12.42
CA VAL C 62 -21.41 17.75 -13.84
C VAL C 62 -21.49 19.08 -14.56
N GLN C 63 -22.45 19.94 -14.22
CA GLN C 63 -22.55 21.21 -14.93
C GLN C 63 -21.95 22.46 -14.31
N GLU C 64 -21.38 22.35 -13.11
CA GLU C 64 -20.75 23.49 -12.48
C GLU C 64 -19.32 23.60 -12.99
N SER C 65 -18.65 24.70 -12.68
CA SER C 65 -17.27 24.91 -13.11
C SER C 65 -16.34 23.81 -12.66
N GLY C 66 -15.49 23.36 -13.57
CA GLY C 66 -14.56 22.30 -13.26
C GLY C 66 -15.20 20.93 -13.30
N GLY C 67 -16.49 20.89 -13.64
CA GLY C 67 -17.20 19.62 -13.70
C GLY C 67 -16.99 18.85 -15.00
N TYR C 68 -17.64 17.71 -15.10
CA TYR C 68 -17.55 16.85 -16.27
C TYR C 68 -17.71 17.50 -17.63
N LEU C 69 -18.76 18.29 -17.79
CA LEU C 69 -19.01 18.94 -19.08
C LEU C 69 -17.85 19.84 -19.55
N GLN C 70 -17.23 20.54 -18.60
CA GLN C 70 -16.11 21.42 -18.90
C GLN C 70 -14.82 20.66 -19.16
N ASP C 71 -14.57 19.62 -18.36
CA ASP C 71 -13.38 18.81 -18.50
C ASP C 71 -13.75 17.33 -18.34
N PRO C 72 -14.32 16.74 -19.40
CA PRO C 72 -14.72 15.33 -19.38
C PRO C 72 -13.58 14.41 -18.95
N ALA C 73 -12.48 14.49 -19.68
CA ALA C 73 -11.30 13.65 -19.44
C ALA C 73 -10.73 13.76 -18.05
N GLY C 74 -10.54 15.00 -17.58
CA GLY C 74 -9.98 15.20 -16.26
C GLY C 74 -10.82 14.62 -15.14
N ASN C 75 -12.12 14.90 -15.18
CA ASN C 75 -13.02 14.41 -14.16
C ASN C 75 -13.19 12.91 -14.19
N LYS C 76 -13.34 12.37 -15.40
CA LYS C 76 -13.49 10.94 -15.59
C LYS C 76 -12.28 10.22 -15.01
N ALA C 77 -11.10 10.81 -15.23
CA ALA C 77 -9.85 10.24 -14.74
C ALA C 77 -9.77 10.22 -13.22
N LYS C 78 -10.31 11.24 -12.58
CA LYS C 78 -10.31 11.30 -11.12
C LYS C 78 -11.24 10.23 -10.57
N VAL C 79 -12.33 9.96 -11.28
CA VAL C 79 -13.30 8.95 -10.88
C VAL C 79 -12.64 7.57 -10.91
N GLU C 80 -11.98 7.26 -12.02
CA GLU C 80 -11.32 5.98 -12.22
C GLU C 80 -10.24 5.69 -11.22
N ARG C 81 -9.45 6.71 -10.90
CA ARG C 81 -8.36 6.57 -9.96
C ARG C 81 -8.92 6.00 -8.66
N VAL C 82 -10.06 6.55 -8.24
CA VAL C 82 -10.72 6.12 -7.02
C VAL C 82 -11.34 4.74 -7.12
N VAL C 83 -11.94 4.43 -8.27
CA VAL C 83 -12.55 3.11 -8.45
C VAL C 83 -11.51 2.00 -8.45
N ASP C 84 -10.40 2.19 -9.15
CA ASP C 84 -9.33 1.17 -9.19
C ASP C 84 -8.81 0.92 -7.79
N ALA C 85 -8.63 2.00 -7.04
CA ALA C 85 -8.16 1.92 -5.67
C ALA C 85 -9.17 1.12 -4.84
N ALA C 86 -10.46 1.37 -5.07
CA ALA C 86 -11.50 0.65 -4.34
C ALA C 86 -11.41 -0.84 -4.64
N ILE C 87 -11.29 -1.18 -5.92
CA ILE C 87 -11.19 -2.57 -6.33
C ILE C 87 -9.98 -3.24 -5.68
N ALA C 88 -8.82 -2.62 -5.85
CA ALA C 88 -7.57 -3.12 -5.29
C ALA C 88 -7.63 -3.29 -3.78
N ASN C 89 -8.42 -2.44 -3.12
CA ASN C 89 -8.56 -2.47 -1.67
C ASN C 89 -9.79 -3.20 -1.10
N ASP C 90 -10.55 -3.90 -1.93
CA ASP C 90 -11.77 -4.61 -1.49
C ASP C 90 -12.81 -3.66 -0.90
N MET C 91 -13.33 -2.77 -1.73
CA MET C 91 -14.32 -1.80 -1.31
C MET C 91 -15.30 -1.58 -2.44
N TYR C 92 -16.48 -1.12 -2.09
CA TYR C 92 -17.48 -0.84 -3.10
C TYR C 92 -17.18 0.60 -3.52
N ALA C 93 -17.53 0.94 -4.75
CA ALA C 93 -17.30 2.29 -5.25
C ALA C 93 -18.55 2.79 -5.94
N ILE C 94 -19.09 3.90 -5.46
CA ILE C 94 -20.27 4.48 -6.07
C ILE C 94 -19.81 5.57 -7.02
N ILE C 95 -20.06 5.38 -8.31
CA ILE C 95 -19.72 6.37 -9.32
C ILE C 95 -20.92 7.30 -9.36
N GLY C 96 -20.77 8.48 -8.78
CA GLY C 96 -21.88 9.42 -8.74
C GLY C 96 -21.93 10.50 -9.78
N TRP C 97 -23.11 10.67 -10.38
CA TRP C 97 -23.36 11.70 -11.38
C TRP C 97 -23.92 12.78 -10.51
N HIS C 98 -23.03 13.59 -9.94
CA HIS C 98 -23.39 14.65 -9.01
C HIS C 98 -24.11 15.85 -9.63
N SER C 99 -25.31 15.62 -10.13
CA SER C 99 -26.10 16.67 -10.74
C SER C 99 -27.41 16.98 -10.01
N HIS C 100 -27.87 18.22 -10.16
CA HIS C 100 -29.13 18.70 -9.57
C HIS C 100 -30.11 18.96 -10.70
N SER C 101 -29.72 18.59 -11.91
CA SER C 101 -30.57 18.78 -13.07
C SER C 101 -30.20 17.81 -14.17
N ALA C 102 -29.86 16.58 -13.78
CA ALA C 102 -29.45 15.53 -14.72
C ALA C 102 -30.36 15.30 -15.93
N GLU C 103 -31.64 15.60 -15.82
CA GLU C 103 -32.57 15.39 -16.94
C GLU C 103 -32.22 16.26 -18.14
N ASN C 104 -31.59 17.41 -17.88
CA ASN C 104 -31.21 18.34 -18.95
C ASN C 104 -30.03 17.86 -19.78
N ASN C 105 -29.26 16.90 -19.25
CA ASN C 105 -28.09 16.39 -19.96
C ASN C 105 -28.12 14.89 -20.03
N ARG C 106 -29.19 14.36 -20.59
CA ARG C 106 -29.36 12.92 -20.70
C ARG C 106 -28.34 12.24 -21.60
N SER C 107 -28.19 12.74 -22.83
CA SER C 107 -27.27 12.15 -23.80
C SER C 107 -25.89 11.91 -23.21
N GLU C 108 -25.40 12.89 -22.47
CA GLU C 108 -24.09 12.85 -21.84
C GLU C 108 -24.05 11.77 -20.76
N ALA C 109 -25.06 11.78 -19.90
CA ALA C 109 -25.18 10.82 -18.82
C ALA C 109 -25.11 9.39 -19.36
N ILE C 110 -25.82 9.16 -20.46
CA ILE C 110 -25.86 7.86 -21.11
C ILE C 110 -24.47 7.46 -21.58
N ARG C 111 -23.82 8.37 -22.31
CA ARG C 111 -22.48 8.13 -22.84
C ARG C 111 -21.48 7.79 -21.73
N PHE C 112 -21.48 8.59 -20.66
CA PHE C 112 -20.58 8.37 -19.54
C PHE C 112 -20.76 6.97 -18.95
N PHE C 113 -21.95 6.70 -18.42
CA PHE C 113 -22.22 5.40 -17.79
C PHE C 113 -21.91 4.20 -18.65
N GLN C 114 -22.11 4.32 -19.95
CA GLN C 114 -21.80 3.23 -20.86
C GLN C 114 -20.29 2.96 -20.80
N GLU C 115 -19.49 4.02 -20.80
CA GLU C 115 -18.03 3.89 -20.74
C GLU C 115 -17.66 3.16 -19.46
N MET C 116 -18.26 3.60 -18.36
CA MET C 116 -18.02 3.02 -17.06
C MET C 116 -18.47 1.57 -17.01
N ALA C 117 -19.63 1.28 -17.59
CA ALA C 117 -20.18 -0.07 -17.61
C ALA C 117 -19.25 -1.02 -18.35
N ARG C 118 -18.73 -0.59 -19.50
CA ARG C 118 -17.82 -1.43 -20.27
C ARG C 118 -16.54 -1.72 -19.49
N LYS C 119 -16.01 -0.70 -18.84
CA LYS C 119 -14.77 -0.83 -18.10
C LYS C 119 -14.87 -1.55 -16.77
N TYR C 120 -15.96 -1.34 -16.05
CA TYR C 120 -16.13 -1.96 -14.73
C TYR C 120 -17.26 -2.96 -14.53
N GLY C 121 -18.12 -3.12 -15.53
CA GLY C 121 -19.24 -4.02 -15.43
C GLY C 121 -18.93 -5.40 -14.87
N ASN C 122 -17.79 -5.94 -15.26
CA ASN C 122 -17.35 -7.27 -14.82
C ASN C 122 -16.97 -7.31 -13.33
N LYS C 123 -16.73 -6.15 -12.74
CA LYS C 123 -16.33 -6.07 -11.34
C LYS C 123 -17.50 -5.90 -10.37
N PRO C 124 -17.47 -6.62 -9.25
CA PRO C 124 -18.54 -6.54 -8.25
C PRO C 124 -18.45 -5.36 -7.30
N ASN C 125 -17.44 -4.52 -7.44
CA ASN C 125 -17.29 -3.38 -6.53
C ASN C 125 -18.11 -2.14 -6.93
N VAL C 126 -18.26 -1.92 -8.22
CA VAL C 126 -18.97 -0.74 -8.73
C VAL C 126 -20.49 -0.65 -8.57
N ILE C 127 -20.95 0.55 -8.24
CA ILE C 127 -22.35 0.87 -8.04
C ILE C 127 -22.59 2.17 -8.81
N TYR C 128 -23.69 2.25 -9.56
CA TYR C 128 -24.00 3.46 -10.33
C TYR C 128 -25.02 4.33 -9.61
N GLU C 129 -24.75 5.63 -9.54
CA GLU C 129 -25.68 6.57 -8.92
C GLU C 129 -25.90 7.57 -10.05
N ILE C 130 -26.98 7.37 -10.80
CA ILE C 130 -27.26 8.20 -11.97
C ILE C 130 -27.84 9.60 -11.82
N TYR C 131 -28.21 9.98 -10.61
CA TYR C 131 -28.79 11.30 -10.41
C TYR C 131 -28.76 11.63 -8.93
N ASN C 132 -27.71 12.35 -8.52
CA ASN C 132 -27.50 12.75 -7.13
C ASN C 132 -28.71 13.30 -6.37
N GLU C 133 -29.11 14.53 -6.65
CA GLU C 133 -30.21 15.16 -5.94
C GLU C 133 -31.17 15.97 -6.79
N PRO C 134 -32.29 15.36 -7.21
CA PRO C 134 -33.25 16.11 -8.03
C PRO C 134 -33.86 17.21 -7.16
N LEU C 135 -34.36 18.27 -7.79
CA LEU C 135 -34.98 19.41 -7.08
C LEU C 135 -36.49 19.13 -6.89
N GLN C 136 -37.28 20.19 -6.67
CA GLN C 136 -38.73 20.03 -6.52
C GLN C 136 -39.34 19.76 -7.89
N VAL C 137 -39.06 18.58 -8.42
CA VAL C 137 -39.52 18.17 -9.73
C VAL C 137 -40.30 16.85 -9.57
N SER C 138 -41.19 16.56 -10.51
CA SER C 138 -42.02 15.34 -10.47
C SER C 138 -41.25 14.03 -10.68
N TRP C 139 -41.51 13.05 -9.82
CA TRP C 139 -40.86 11.75 -9.94
C TRP C 139 -41.28 11.07 -11.24
N SER C 140 -42.57 10.87 -11.41
CA SER C 140 -43.08 10.20 -12.59
C SER C 140 -42.90 10.87 -13.93
N ASN C 141 -42.91 12.21 -13.95
CA ASN C 141 -42.82 12.94 -15.22
C ASN C 141 -41.46 13.41 -15.73
N THR C 142 -40.47 13.51 -14.87
CA THR C 142 -39.15 13.95 -15.32
C THR C 142 -38.04 13.02 -14.87
N ILE C 143 -38.04 12.64 -13.60
CA ILE C 143 -37.02 11.75 -13.07
C ILE C 143 -37.08 10.34 -13.63
N LYS C 144 -38.23 9.68 -13.46
CA LYS C 144 -38.41 8.32 -13.93
C LYS C 144 -38.08 8.17 -15.43
N PRO C 145 -38.57 9.09 -16.28
CA PRO C 145 -38.26 8.98 -17.70
C PRO C 145 -36.74 9.06 -17.93
N TYR C 146 -36.08 9.97 -17.23
CA TYR C 146 -34.63 10.11 -17.36
C TYR C 146 -33.96 8.81 -16.88
N ALA C 147 -34.25 8.46 -15.64
CA ALA C 147 -33.70 7.26 -15.02
C ALA C 147 -33.85 6.03 -15.91
N GLU C 148 -35.02 5.85 -16.52
CA GLU C 148 -35.27 4.69 -17.38
C GLU C 148 -34.40 4.66 -18.64
N ALA C 149 -34.13 5.84 -19.20
CA ALA C 149 -33.30 5.95 -20.39
C ALA C 149 -31.85 5.53 -20.07
N VAL C 150 -31.34 5.95 -18.91
CA VAL C 150 -29.97 5.61 -18.49
C VAL C 150 -29.86 4.14 -18.04
N ILE C 151 -30.76 3.73 -17.16
CA ILE C 151 -30.79 2.36 -16.66
C ILE C 151 -30.79 1.41 -17.84
N SER C 152 -31.57 1.76 -18.86
CA SER C 152 -31.67 0.97 -20.08
C SER C 152 -30.30 0.78 -20.76
N ALA C 153 -29.53 1.85 -20.80
CA ALA C 153 -28.20 1.86 -21.43
C ALA C 153 -27.18 1.08 -20.61
N ILE C 154 -27.25 1.21 -19.29
CA ILE C 154 -26.31 0.48 -18.45
C ILE C 154 -26.65 -1.01 -18.56
N ARG C 155 -27.94 -1.33 -18.43
CA ARG C 155 -28.39 -2.73 -18.48
C ARG C 155 -28.06 -3.46 -19.76
N ALA C 156 -27.97 -2.73 -20.87
CA ALA C 156 -27.63 -3.34 -22.15
C ALA C 156 -26.18 -3.85 -22.17
N ILE C 157 -25.39 -3.46 -21.18
CA ILE C 157 -24.00 -3.88 -21.08
C ILE C 157 -23.73 -4.61 -19.76
N ASP C 158 -24.10 -3.95 -18.67
CA ASP C 158 -23.94 -4.51 -17.33
C ASP C 158 -25.35 -4.78 -16.80
N PRO C 159 -25.81 -6.03 -16.92
CA PRO C 159 -27.15 -6.46 -16.49
C PRO C 159 -27.40 -6.68 -15.01
N ASP C 160 -26.39 -6.54 -14.16
CA ASP C 160 -26.62 -6.81 -12.75
C ASP C 160 -26.23 -5.80 -11.68
N ASN C 161 -25.14 -5.07 -11.89
CA ASN C 161 -24.69 -4.13 -10.88
C ASN C 161 -25.73 -3.11 -10.47
N LEU C 162 -25.80 -2.90 -9.16
CA LEU C 162 -26.73 -1.98 -8.54
C LEU C 162 -26.72 -0.60 -9.19
N ILE C 163 -27.91 0.00 -9.27
CA ILE C 163 -28.08 1.33 -9.83
C ILE C 163 -29.02 2.06 -8.86
N ILE C 164 -28.51 3.12 -8.25
CA ILE C 164 -29.26 3.93 -7.29
C ILE C 164 -29.83 5.14 -8.02
N VAL C 165 -31.13 5.37 -7.83
CA VAL C 165 -31.82 6.48 -8.48
C VAL C 165 -32.22 7.55 -7.48
N GLY C 166 -31.92 8.81 -7.81
CA GLY C 166 -32.23 9.91 -6.91
C GLY C 166 -33.72 10.16 -6.89
N THR C 167 -34.21 10.64 -5.75
CA THR C 167 -35.64 10.92 -5.57
C THR C 167 -35.91 12.43 -5.47
N PRO C 168 -37.19 12.86 -5.57
CA PRO C 168 -37.55 14.28 -5.48
C PRO C 168 -37.17 15.01 -4.19
N SER C 169 -36.99 16.33 -4.31
CA SER C 169 -36.64 17.17 -3.17
C SER C 169 -35.32 16.77 -2.49
N TRP C 170 -34.23 16.90 -3.24
CA TRP C 170 -32.87 16.55 -2.76
C TRP C 170 -32.85 15.12 -2.20
N SER C 171 -33.47 14.20 -2.92
CA SER C 171 -33.53 12.80 -2.52
C SER C 171 -34.12 12.57 -1.11
N GLN C 172 -35.29 13.17 -0.88
CA GLN C 172 -36.00 13.03 0.39
C GLN C 172 -37.35 12.32 0.20
N ASN C 173 -38.01 12.60 -0.92
CA ASN C 173 -39.32 12.00 -1.20
C ASN C 173 -39.21 10.58 -1.75
N VAL C 174 -38.66 9.67 -0.96
CA VAL C 174 -38.53 8.29 -1.39
C VAL C 174 -39.89 7.63 -1.50
N ASP C 175 -40.83 8.13 -0.69
CA ASP C 175 -42.20 7.61 -0.69
C ASP C 175 -42.86 7.79 -2.06
N GLU C 176 -42.72 8.98 -2.64
CA GLU C 176 -43.32 9.25 -3.94
C GLU C 176 -42.68 8.37 -5.00
N ALA C 177 -41.47 7.90 -4.73
CA ALA C 177 -40.77 7.01 -5.65
C ALA C 177 -41.34 5.60 -5.51
N SER C 178 -41.62 5.20 -4.27
CA SER C 178 -42.17 3.86 -4.01
C SER C 178 -43.58 3.71 -4.60
N ARG C 179 -44.26 4.82 -4.83
CA ARG C 179 -45.61 4.78 -5.41
C ARG C 179 -45.64 4.59 -6.94
N ASP C 180 -44.46 4.54 -7.56
CA ASP C 180 -44.35 4.33 -9.00
C ASP C 180 -42.94 3.81 -9.30
N PRO C 181 -42.60 2.63 -8.75
CA PRO C 181 -41.28 2.00 -8.93
C PRO C 181 -40.86 1.80 -10.37
N ILE C 182 -39.55 1.78 -10.58
CA ILE C 182 -39.00 1.55 -11.90
C ILE C 182 -38.96 0.03 -12.09
N ASN C 183 -39.37 -0.43 -13.26
CA ASN C 183 -39.37 -1.86 -13.50
C ASN C 183 -38.05 -2.36 -14.09
N ALA C 184 -37.07 -2.56 -13.23
CA ALA C 184 -35.76 -3.04 -13.65
C ALA C 184 -35.24 -4.00 -12.59
N LYS C 185 -34.18 -4.72 -12.91
CA LYS C 185 -33.60 -5.71 -12.00
C LYS C 185 -33.08 -5.27 -10.64
N ASN C 186 -31.89 -4.66 -10.59
CA ASN C 186 -31.33 -4.26 -9.31
C ASN C 186 -31.28 -2.76 -9.09
N ILE C 187 -32.43 -2.17 -8.77
CA ILE C 187 -32.56 -0.74 -8.56
C ILE C 187 -32.80 -0.41 -7.09
N ALA C 188 -32.12 0.61 -6.60
CA ALA C 188 -32.29 1.07 -5.24
C ALA C 188 -32.65 2.54 -5.37
N TYR C 189 -33.20 3.14 -4.33
CA TYR C 189 -33.57 4.55 -4.38
C TYR C 189 -32.83 5.32 -3.32
N THR C 190 -32.47 6.55 -3.66
CA THR C 190 -31.70 7.39 -2.77
C THR C 190 -32.44 8.13 -1.68
N LEU C 191 -31.86 8.10 -0.49
CA LEU C 191 -32.37 8.81 0.67
C LEU C 191 -31.18 9.64 1.16
N HIS C 192 -31.36 10.96 1.24
CA HIS C 192 -30.30 11.84 1.70
C HIS C 192 -30.79 12.64 2.90
N PHE C 193 -30.09 12.51 4.02
CA PHE C 193 -30.49 13.23 5.22
C PHE C 193 -29.31 13.92 5.90
N TYR C 194 -29.62 14.91 6.72
CA TYR C 194 -28.64 15.67 7.47
C TYR C 194 -29.19 15.84 8.88
N ALA C 195 -28.57 15.14 9.81
CA ALA C 195 -28.96 15.13 11.23
C ALA C 195 -29.32 16.44 11.90
N GLY C 196 -28.85 17.56 11.38
CA GLY C 196 -29.18 18.82 12.01
C GLY C 196 -30.37 19.51 11.39
N THR C 197 -30.96 18.89 10.37
CA THR C 197 -32.10 19.48 9.69
C THR C 197 -33.27 18.51 9.55
N HIS C 198 -32.93 17.23 9.37
CA HIS C 198 -33.92 16.18 9.15
C HIS C 198 -34.03 15.23 10.32
N GLY C 199 -35.26 14.89 10.68
CA GLY C 199 -35.48 13.98 11.79
C GLY C 199 -36.53 12.91 11.53
N GLU C 200 -37.34 12.67 12.55
CA GLU C 200 -38.40 11.67 12.51
C GLU C 200 -39.19 11.74 11.23
N SER C 201 -39.67 12.94 10.90
CA SER C 201 -40.48 13.16 9.70
C SER C 201 -39.92 12.49 8.45
N LEU C 202 -38.60 12.51 8.29
CA LEU C 202 -37.97 11.90 7.14
C LEU C 202 -37.93 10.38 7.31
N ARG C 203 -37.69 9.91 8.52
CA ARG C 203 -37.66 8.48 8.74
C ARG C 203 -39.02 7.85 8.42
N ASN C 204 -40.08 8.60 8.66
CA ASN C 204 -41.43 8.13 8.38
C ASN C 204 -41.65 7.98 6.89
N LYS C 205 -41.18 8.96 6.12
CA LYS C 205 -41.31 8.91 4.66
C LYS C 205 -40.53 7.69 4.14
N ALA C 206 -39.41 7.41 4.80
CA ALA C 206 -38.55 6.29 4.45
C ALA C 206 -39.19 4.92 4.78
N ARG C 207 -39.73 4.80 5.99
CA ARG C 207 -40.39 3.57 6.41
C ARG C 207 -41.50 3.29 5.42
N GLN C 208 -42.28 4.33 5.11
CA GLN C 208 -43.36 4.19 4.16
C GLN C 208 -42.87 3.60 2.84
N ALA C 209 -41.75 4.12 2.33
CA ALA C 209 -41.20 3.63 1.07
C ALA C 209 -40.75 2.19 1.21
N LEU C 210 -40.23 1.83 2.38
CA LEU C 210 -39.77 0.47 2.65
C LEU C 210 -40.98 -0.48 2.64
N ASN C 211 -42.11 -0.02 3.18
CA ASN C 211 -43.33 -0.82 3.22
C ASN C 211 -43.90 -1.05 1.84
N ASN C 212 -43.62 -0.13 0.92
CA ASN C 212 -44.11 -0.27 -0.45
C ASN C 212 -43.24 -1.18 -1.32
N GLY C 213 -42.24 -1.82 -0.70
CA GLY C 213 -41.37 -2.75 -1.41
C GLY C 213 -40.14 -2.20 -2.14
N ILE C 214 -39.71 -1.01 -1.77
CA ILE C 214 -38.57 -0.36 -2.40
C ILE C 214 -37.34 -0.38 -1.50
N ALA C 215 -36.17 -0.66 -2.08
CA ALA C 215 -34.92 -0.67 -1.31
C ALA C 215 -34.30 0.73 -1.29
N LEU C 216 -33.91 1.21 -0.11
CA LEU C 216 -33.30 2.54 0.03
C LEU C 216 -31.78 2.43 0.23
N PHE C 217 -31.05 3.44 -0.25
CA PHE C 217 -29.59 3.49 -0.13
C PHE C 217 -29.19 4.94 0.15
N VAL C 218 -28.63 5.17 1.33
CA VAL C 218 -28.20 6.52 1.73
C VAL C 218 -26.82 6.85 1.16
N THR C 219 -26.78 7.34 -0.08
CA THR C 219 -25.49 7.67 -0.72
C THR C 219 -24.79 8.93 -0.16
N GLU C 220 -25.46 9.67 0.71
CA GLU C 220 -24.90 10.87 1.30
C GLU C 220 -25.70 11.27 2.53
N TRP C 221 -25.00 11.50 3.63
CA TRP C 221 -25.65 11.92 4.87
C TRP C 221 -24.64 12.70 5.68
N GLY C 222 -25.12 13.64 6.48
CA GLY C 222 -24.21 14.42 7.29
C GLY C 222 -24.71 14.52 8.71
N THR C 223 -23.77 14.66 9.64
CA THR C 223 -24.06 14.78 11.07
C THR C 223 -24.42 16.23 11.42
N VAL C 224 -24.33 17.11 10.44
CA VAL C 224 -24.58 18.52 10.64
C VAL C 224 -25.76 19.01 9.80
N ASN C 225 -26.07 20.30 9.84
CA ASN C 225 -27.17 20.89 9.06
C ASN C 225 -27.05 20.62 7.56
N ALA C 226 -28.15 20.76 6.85
CA ALA C 226 -28.19 20.51 5.40
C ALA C 226 -27.26 21.37 4.54
N ASP C 227 -27.05 22.62 4.93
CA ASP C 227 -26.18 23.49 4.15
C ASP C 227 -24.71 23.06 4.30
N GLY C 228 -24.49 21.96 5.01
CA GLY C 228 -23.15 21.44 5.20
C GLY C 228 -22.35 22.05 6.33
N ASN C 229 -22.88 23.09 6.96
CA ASN C 229 -22.16 23.74 8.05
C ASN C 229 -23.04 23.87 9.29
N GLY C 230 -22.40 23.83 10.45
CA GLY C 230 -23.14 23.94 11.70
C GLY C 230 -22.64 22.96 12.73
N GLY C 231 -23.34 22.85 13.84
CA GLY C 231 -22.90 21.92 14.87
C GLY C 231 -23.42 20.52 14.66
N VAL C 232 -22.63 19.55 15.11
CA VAL C 232 -22.99 18.15 15.04
C VAL C 232 -24.15 17.86 15.97
N ASN C 233 -25.27 17.44 15.39
CA ASN C 233 -26.48 17.10 16.16
C ASN C 233 -26.36 15.67 16.65
N GLN C 234 -25.67 15.50 17.77
CA GLN C 234 -25.45 14.18 18.36
C GLN C 234 -26.65 13.24 18.45
N THR C 235 -27.71 13.66 19.14
CA THR C 235 -28.90 12.84 19.31
C THR C 235 -29.56 12.38 18.02
N GLU C 236 -29.76 13.31 17.10
CA GLU C 236 -30.38 12.95 15.83
C GLU C 236 -29.44 12.03 15.04
N THR C 237 -28.13 12.19 15.20
CA THR C 237 -27.19 11.32 14.48
C THR C 237 -27.32 9.90 14.99
N ASP C 238 -27.36 9.73 16.31
CA ASP C 238 -27.50 8.39 16.88
C ASP C 238 -28.81 7.75 16.45
N ALA C 239 -29.85 8.57 16.37
CA ALA C 239 -31.17 8.11 15.95
C ALA C 239 -31.14 7.54 14.52
N TRP C 240 -30.55 8.30 13.61
CA TRP C 240 -30.44 7.91 12.20
C TRP C 240 -29.57 6.67 12.05
N VAL C 241 -28.55 6.55 12.88
CA VAL C 241 -27.65 5.41 12.82
C VAL C 241 -28.36 4.11 13.22
N THR C 242 -29.14 4.16 14.30
CA THR C 242 -29.86 2.99 14.74
C THR C 242 -30.85 2.61 13.64
N PHE C 243 -31.53 3.62 13.10
CA PHE C 243 -32.48 3.40 12.02
C PHE C 243 -31.81 2.61 10.90
N MET C 244 -30.74 3.17 10.33
CA MET C 244 -30.03 2.50 9.24
C MET C 244 -29.49 1.12 9.55
N ARG C 245 -28.99 0.90 10.77
CA ARG C 245 -28.45 -0.41 11.12
C ARG C 245 -29.56 -1.45 11.20
N ASP C 246 -30.59 -1.14 11.97
CA ASP C 246 -31.73 -2.04 12.14
C ASP C 246 -32.44 -2.34 10.82
N ASN C 247 -32.55 -1.31 9.99
CA ASN C 247 -33.21 -1.46 8.69
C ASN C 247 -32.27 -1.88 7.56
N ASN C 248 -31.02 -2.20 7.90
CA ASN C 248 -30.01 -2.63 6.94
C ASN C 248 -29.78 -1.74 5.71
N ILE C 249 -29.72 -0.44 5.97
CA ILE C 249 -29.48 0.55 4.92
C ILE C 249 -27.99 0.92 4.91
N SER C 250 -27.34 0.74 3.77
CA SER C 250 -25.94 1.10 3.62
C SER C 250 -25.88 2.62 3.53
N ASN C 251 -24.82 3.21 4.05
CA ASN C 251 -24.68 4.66 4.07
C ASN C 251 -23.28 5.17 3.70
N ALA C 252 -23.20 6.43 3.29
CA ALA C 252 -21.94 7.08 2.92
C ALA C 252 -21.93 8.52 3.46
N ASN C 253 -21.06 8.75 4.43
CA ASN C 253 -20.95 10.06 5.07
C ASN C 253 -20.41 11.16 4.14
N TRP C 254 -21.23 12.44 4.00
CA TRP C 254 -20.84 13.73 3.25
C TRP C 254 -19.71 14.43 4.14
N ALA C 255 -18.25 14.91 3.89
CA ALA C 255 -17.56 14.29 2.93
C ALA C 255 -16.11 14.64 3.52
N LEU C 256 -15.35 13.37 2.81
CA LEU C 256 -14.04 13.20 3.38
C LEU C 256 -13.15 14.21 2.67
N ASN C 257 -13.21 15.34 3.37
CA ASN C 257 -12.62 16.54 2.80
C ASN C 257 -11.99 17.38 3.90
N ASP C 258 -11.46 18.54 3.53
CA ASP C 258 -10.86 19.44 4.51
C ASP C 258 -11.34 20.88 4.33
N LYS C 259 -12.47 21.06 3.66
CA LYS C 259 -13.00 22.40 3.47
C LYS C 259 -13.42 22.92 4.85
N ASN C 260 -13.43 24.24 5.00
CA ASN C 260 -13.79 24.85 6.28
C ASN C 260 -15.30 24.87 6.53
N GLU C 261 -15.82 23.75 6.99
CA GLU C 261 -17.25 23.63 7.29
C GLU C 261 -17.42 22.40 8.16
N GLY C 262 -18.50 22.40 8.94
CA GLY C 262 -18.76 21.29 9.85
C GLY C 262 -18.73 19.90 9.26
N ALA C 263 -19.25 19.77 8.05
CA ALA C 263 -19.32 18.50 7.34
C ALA C 263 -17.98 17.82 7.07
N SER C 264 -16.92 18.61 6.83
CA SER C 264 -15.61 18.08 6.52
C SER C 264 -15.03 17.22 7.65
N THR C 265 -14.42 16.10 7.30
CA THR C 265 -13.84 15.21 8.30
C THR C 265 -12.57 15.74 8.94
N TYR C 266 -11.87 16.60 8.19
CA TYR C 266 -10.61 17.18 8.63
C TYR C 266 -10.67 18.69 8.68
N TYR C 267 -9.77 19.28 9.44
CA TYR C 267 -9.66 20.73 9.49
C TYR C 267 -8.81 21.11 8.27
N PRO C 268 -8.90 22.37 7.81
CA PRO C 268 -8.13 22.79 6.65
C PRO C 268 -6.64 22.44 6.69
N ASP C 269 -6.19 21.77 5.64
CA ASP C 269 -4.79 21.35 5.48
C ASP C 269 -4.23 20.44 6.57
N SER C 270 -5.04 19.57 7.15
CA SER C 270 -4.51 18.69 8.18
C SER C 270 -5.20 17.33 8.16
N LYS C 271 -4.71 16.40 8.97
CA LYS C 271 -5.31 15.08 9.08
C LYS C 271 -5.97 14.96 10.44
N ASN C 272 -6.16 16.10 11.09
CA ASN C 272 -6.80 16.18 12.40
C ASN C 272 -8.28 16.15 12.14
N LEU C 273 -8.96 15.27 12.86
CA LEU C 273 -10.39 15.06 12.72
C LEU C 273 -11.26 16.12 13.40
N THR C 274 -12.28 16.56 12.67
CA THR C 274 -13.22 17.54 13.20
C THR C 274 -14.21 16.86 14.14
N GLU C 275 -15.16 17.63 14.63
CA GLU C 275 -16.19 17.12 15.53
C GLU C 275 -16.96 16.00 14.81
N SER C 276 -17.35 16.28 13.57
CA SER C 276 -18.08 15.33 12.73
C SER C 276 -17.24 14.11 12.40
N GLY C 277 -15.95 14.33 12.14
CA GLY C 277 -15.06 13.24 11.79
C GLY C 277 -14.85 12.21 12.88
N LYS C 278 -14.70 12.68 14.12
CA LYS C 278 -14.49 11.79 15.25
C LYS C 278 -15.71 10.87 15.36
N LYS C 279 -16.89 11.48 15.23
CA LYS C 279 -18.18 10.79 15.30
C LYS C 279 -18.32 9.73 14.20
N VAL C 280 -18.24 10.18 12.95
CA VAL C 280 -18.37 9.30 11.80
C VAL C 280 -17.34 8.17 11.79
N LYS C 281 -16.13 8.46 12.27
CA LYS C 281 -15.08 7.46 12.29
C LYS C 281 -15.51 6.25 13.11
N SER C 282 -15.93 6.48 14.35
CA SER C 282 -16.38 5.41 15.24
C SER C 282 -17.53 4.64 14.61
N ILE C 283 -18.50 5.39 14.10
CA ILE C 283 -19.65 4.78 13.46
C ILE C 283 -19.22 3.78 12.41
N ILE C 284 -18.32 4.20 11.53
CA ILE C 284 -17.86 3.31 10.47
C ILE C 284 -17.09 2.10 11.02
N GLN C 285 -16.14 2.35 11.91
CA GLN C 285 -15.34 1.28 12.50
C GLN C 285 -16.16 0.24 13.24
N SER C 286 -17.22 0.67 13.92
CA SER C 286 -18.04 -0.25 14.67
C SER C 286 -19.22 -0.78 13.85
N TRP C 287 -19.15 -0.63 12.53
CA TRP C 287 -20.22 -1.11 11.68
C TRP C 287 -20.23 -2.63 11.65
N PRO C 288 -21.43 -3.23 11.74
CA PRO C 288 -21.65 -4.68 11.74
C PRO C 288 -20.98 -5.49 10.63
N TYR C 289 -21.17 -5.08 9.38
CA TYR C 289 -20.57 -5.81 8.26
C TYR C 289 -19.49 -4.99 7.57
N LYS C 290 -18.47 -5.66 7.06
CA LYS C 290 -17.36 -5.01 6.37
C LYS C 290 -16.91 -5.86 5.19
N ALA C 291 -15.74 -5.53 4.63
CA ALA C 291 -15.12 -6.24 3.50
C ALA C 291 -15.83 -6.03 2.16
CA CA D . 14.02 -1.03 25.33
CA CA E . 0.47 6.70 -47.91
CA CA F . -21.50 -7.09 -13.30
#